data_6T6P
#
_entry.id   6T6P
#
_cell.length_a   71.639
_cell.length_b   94.358
_cell.length_c   151.068
_cell.angle_alpha   90.000
_cell.angle_beta   90.000
_cell.angle_gamma   90.000
#
_symmetry.space_group_name_H-M   'P 21 21 21'
#
loop_
_entity.id
_entity.type
_entity.pdbx_description
1 polymer '3-oxoacyl-[acyl-carrier protein] reductase'
2 non-polymer 'PHOSPHATE ION'
3 non-polymer GLYCEROL
4 water water
#
_entity_poly.entity_id   1
_entity_poly.type   'polypeptide(L)'
_entity_poly.pdbx_seq_one_letter_code
;SMALASKTAIVTGAARGIGFGIAQVLAREGARVIIADRDAHGEAAAASLRESGAQALFISCNIAEKTQVEALFSQAEEAF
GPVDILVNNAGINRDAMLHKLTEADWDTVIDVNLKGTFLCMQQAAIRMRERGAGRIINIASASWLGNVGQTNYSASKAGV
VGMTKTACRELAKKGVTVNAICPGFIDTDMTRGVPENVWQIMISKIPAGYAGEAKDVGECVAFLASDGARYINGEVINVG
GGMVL
;
_entity_poly.pdbx_strand_id   A,B,C,D
#
# COMPACT_ATOMS: atom_id res chain seq x y z
N SER A 1 33.76 2.32 -0.39
CA SER A 1 34.57 1.09 -0.71
C SER A 1 34.34 0.01 0.37
N MET A 2 34.24 -1.22 -0.08
CA MET A 2 34.36 -2.37 0.76
C MET A 2 33.31 -2.46 1.91
N ALA A 3 32.07 -2.08 1.62
CA ALA A 3 31.01 -2.18 2.60
C ALA A 3 30.71 -3.63 2.99
N LEU A 4 31.04 -4.59 2.13
CA LEU A 4 30.72 -6.00 2.38
C LEU A 4 31.99 -6.85 2.45
N ALA A 5 33.08 -6.25 2.88
CA ALA A 5 34.36 -6.96 2.91
C ALA A 5 34.34 -8.30 3.60
N SER A 6 34.73 -9.34 2.87
CA SER A 6 34.75 -10.75 3.24
C SER A 6 33.45 -11.40 3.68
N LYS A 7 32.35 -10.75 3.38
CA LYS A 7 31.06 -11.40 3.46
C LYS A 7 30.87 -12.40 2.34
N THR A 8 30.18 -13.45 2.59
CA THR A 8 29.87 -14.47 1.57
C THR A 8 28.41 -14.28 1.12
N ALA A 9 28.21 -14.19 -0.20
CA ALA A 9 26.86 -14.02 -0.74
C ALA A 9 26.53 -15.07 -1.76
N ILE A 10 25.33 -15.62 -1.68
CA ILE A 10 24.76 -16.43 -2.75
C ILE A 10 23.78 -15.55 -3.49
N VAL A 11 23.90 -15.47 -4.83
CA VAL A 11 22.95 -14.79 -5.67
C VAL A 11 22.37 -15.85 -6.62
N THR A 12 21.10 -16.15 -6.48
CA THR A 12 20.47 -17.10 -7.41
C THR A 12 20.07 -16.39 -8.71
N GLY A 13 20.09 -17.11 -9.81
CA GLY A 13 19.73 -16.50 -11.10
C GLY A 13 20.72 -15.45 -11.54
N ALA A 14 21.98 -15.60 -11.22
CA ALA A 14 22.98 -14.57 -11.45
C ALA A 14 23.86 -14.75 -12.64
N ALA A 15 23.55 -15.68 -13.54
CA ALA A 15 24.35 -15.84 -14.74
C ALA A 15 24.22 -14.67 -15.68
N ARG A 16 23.05 -14.03 -15.69
CA ARG A 16 22.74 -12.96 -16.67
C ARG A 16 21.86 -11.92 -16.05
N GLY A 17 21.68 -10.81 -16.79
CA GLY A 17 20.64 -9.86 -16.46
C GLY A 17 20.76 -9.21 -15.09
N ILE A 18 19.62 -8.97 -14.47
CA ILE A 18 19.58 -8.31 -13.17
C ILE A 18 20.46 -9.03 -12.17
N GLY A 19 20.38 -10.36 -12.13
CA GLY A 19 21.16 -11.10 -11.13
C GLY A 19 22.66 -10.93 -11.27
N PHE A 20 23.15 -10.88 -12.53
CA PHE A 20 24.57 -10.70 -12.74
C PHE A 20 24.98 -9.29 -12.28
N GLY A 21 24.17 -8.27 -12.57
CA GLY A 21 24.49 -6.90 -12.08
C GLY A 21 24.53 -6.84 -10.57
N ILE A 22 23.63 -7.58 -9.93
CA ILE A 22 23.70 -7.68 -8.47
C ILE A 22 25.04 -8.27 -8.01
N ALA A 23 25.39 -9.39 -8.62
CA ALA A 23 26.66 -10.03 -8.32
C ALA A 23 27.85 -9.10 -8.51
N GLN A 24 27.85 -8.33 -9.60
CA GLN A 24 28.92 -7.37 -9.83
C GLN A 24 29.07 -6.36 -8.71
N VAL A 25 27.94 -5.79 -8.28
CA VAL A 25 28.02 -4.78 -7.23
C VAL A 25 28.44 -5.41 -5.89
N LEU A 26 27.93 -6.57 -5.56
CA LEU A 26 28.34 -7.21 -4.29
C LEU A 26 29.86 -7.48 -4.31
N ALA A 27 30.36 -7.98 -5.43
CA ALA A 27 31.79 -8.22 -5.58
C ALA A 27 32.60 -6.92 -5.50
N ARG A 28 32.08 -5.84 -6.08
CA ARG A 28 32.76 -4.54 -6.01
C ARG A 28 32.92 -4.09 -4.55
N GLU A 29 31.93 -4.39 -3.74
CA GLU A 29 31.94 -4.06 -2.31
C GLU A 29 32.65 -5.08 -1.43
N GLY A 30 33.27 -6.06 -2.05
CA GLY A 30 34.15 -6.98 -1.33
C GLY A 30 33.58 -8.34 -0.95
N ALA A 31 32.35 -8.65 -1.37
CA ALA A 31 31.77 -9.93 -1.05
C ALA A 31 32.38 -11.01 -1.94
N ARG A 32 32.48 -12.21 -1.38
CA ARG A 32 32.80 -13.41 -2.18
C ARG A 32 31.48 -13.96 -2.64
N VAL A 33 31.33 -14.21 -3.94
CA VAL A 33 30.03 -14.45 -4.51
C VAL A 33 29.89 -15.82 -5.14
N ILE A 34 28.81 -16.51 -4.73
CA ILE A 34 28.37 -17.74 -5.38
C ILE A 34 27.29 -17.36 -6.39
N ILE A 35 27.56 -17.61 -7.68
CA ILE A 35 26.55 -17.51 -8.71
C ILE A 35 25.84 -18.86 -8.76
N ALA A 36 24.57 -18.90 -8.41
CA ALA A 36 23.80 -20.13 -8.40
C ALA A 36 22.79 -20.05 -9.54
N ASP A 37 22.86 -20.94 -10.53
CA ASP A 37 21.96 -20.81 -11.66
C ASP A 37 21.90 -22.18 -12.36
N ARG A 38 20.84 -22.37 -13.15
CA ARG A 38 20.76 -23.49 -14.06
C ARG A 38 21.48 -23.22 -15.36
N ASP A 39 21.55 -21.96 -15.75
CA ASP A 39 22.19 -21.52 -16.96
C ASP A 39 23.68 -21.74 -16.88
N ALA A 40 24.24 -22.51 -17.81
CA ALA A 40 25.67 -22.82 -17.84
C ALA A 40 26.55 -21.59 -18.07
N HIS A 41 25.95 -20.49 -18.55
CA HIS A 41 26.67 -19.25 -18.72
C HIS A 41 27.11 -18.73 -17.36
N GLY A 42 26.60 -19.33 -16.29
CA GLY A 42 27.02 -18.96 -14.95
C GLY A 42 28.52 -19.08 -14.76
N GLU A 43 29.14 -20.05 -15.42
CA GLU A 43 30.59 -20.19 -15.30
C GLU A 43 31.33 -18.95 -15.87
N ALA A 44 30.90 -18.50 -17.04
CA ALA A 44 31.48 -17.30 -17.67
C ALA A 44 31.23 -16.05 -16.78
N ALA A 45 30.06 -15.99 -16.15
CA ALA A 45 29.71 -14.93 -15.21
C ALA A 45 30.71 -14.93 -14.02
N ALA A 46 30.92 -16.11 -13.43
CA ALA A 46 31.86 -16.20 -12.32
C ALA A 46 33.28 -15.84 -12.75
N ALA A 47 33.68 -16.30 -13.94
CA ALA A 47 34.98 -15.99 -14.50
C ALA A 47 35.17 -14.48 -14.71
N SER A 48 34.12 -13.81 -15.15
CA SER A 48 34.20 -12.36 -15.36
C SER A 48 34.48 -11.65 -14.01
N LEU A 49 33.80 -12.10 -12.98
CA LEU A 49 34.04 -11.51 -11.67
C LEU A 49 35.49 -11.75 -11.19
N ARG A 50 35.95 -12.98 -11.40
CA ARG A 50 37.32 -13.34 -11.00
C ARG A 50 38.36 -12.55 -11.73
N GLU A 51 38.12 -12.32 -13.03
CA GLU A 51 39.03 -11.50 -13.84
C GLU A 51 39.18 -10.09 -13.31
N SER A 52 38.14 -9.56 -12.70
CA SER A 52 38.20 -8.26 -12.02
C SER A 52 38.88 -8.26 -10.64
N GLY A 53 39.22 -9.41 -10.08
CA GLY A 53 39.90 -9.51 -8.78
C GLY A 53 39.08 -10.02 -7.63
N ALA A 54 37.80 -10.31 -7.90
CA ALA A 54 36.89 -10.80 -6.90
C ALA A 54 36.99 -12.32 -6.79
N GLN A 55 36.57 -12.84 -5.65
CA GLN A 55 36.41 -14.28 -5.49
C GLN A 55 34.98 -14.64 -5.80
N ALA A 56 34.83 -15.54 -6.76
CA ALA A 56 33.53 -15.97 -7.20
C ALA A 56 33.57 -17.38 -7.72
N LEU A 57 32.45 -18.07 -7.56
CA LEU A 57 32.30 -19.45 -7.99
C LEU A 57 30.91 -19.66 -8.54
N PHE A 58 30.84 -20.47 -9.59
CA PHE A 58 29.52 -20.90 -10.15
C PHE A 58 29.15 -22.26 -9.57
N ILE A 59 27.93 -22.37 -9.10
CA ILE A 59 27.33 -23.64 -8.69
C ILE A 59 26.04 -23.83 -9.48
N SER A 60 26.02 -24.86 -10.31
CA SER A 60 24.84 -25.24 -11.08
C SER A 60 23.77 -25.77 -10.11
N CYS A 61 22.55 -25.25 -10.14
CA CYS A 61 21.53 -25.60 -9.14
CA CYS A 61 21.47 -25.79 -9.33
C CYS A 61 20.13 -25.33 -9.78
N ASN A 62 19.18 -26.20 -9.57
CA ASN A 62 17.77 -25.92 -9.83
C ASN A 62 17.13 -25.74 -8.46
N ILE A 63 16.80 -24.48 -8.14
CA ILE A 63 16.31 -24.15 -6.80
C ILE A 63 14.91 -24.71 -6.48
N ALA A 64 14.20 -25.25 -7.47
CA ALA A 64 12.94 -25.91 -7.20
C ALA A 64 13.07 -27.22 -6.46
N GLU A 65 14.28 -27.83 -6.43
CA GLU A 65 14.49 -29.07 -5.73
C GLU A 65 15.20 -28.86 -4.42
N LYS A 66 14.54 -29.24 -3.32
CA LYS A 66 15.13 -29.02 -1.99
C LYS A 66 16.54 -29.63 -1.84
N THR A 67 16.73 -30.84 -2.35
CA THR A 67 18.08 -31.48 -2.23
C THR A 67 19.16 -30.63 -2.91
N GLN A 68 18.84 -30.01 -4.05
CA GLN A 68 19.80 -29.17 -4.76
C GLN A 68 20.09 -27.88 -3.96
N VAL A 69 19.05 -27.29 -3.36
CA VAL A 69 19.26 -26.12 -2.52
C VAL A 69 20.09 -26.46 -1.29
N GLU A 70 19.85 -27.62 -0.68
CA GLU A 70 20.69 -28.04 0.46
C GLU A 70 22.15 -28.19 0.03
N ALA A 71 22.36 -28.79 -1.14
CA ALA A 71 23.70 -28.96 -1.66
C ALA A 71 24.38 -27.62 -2.01
N LEU A 72 23.61 -26.72 -2.56
CA LEU A 72 24.09 -25.38 -2.87
C LEU A 72 24.67 -24.72 -1.62
N PHE A 73 23.89 -24.73 -0.55
CA PHE A 73 24.34 -24.08 0.68
C PHE A 73 25.53 -24.79 1.29
N SER A 74 25.54 -26.13 1.28
CA SER A 74 26.69 -26.85 1.84
CA SER A 74 26.69 -26.85 1.84
C SER A 74 27.96 -26.57 1.04
N GLN A 75 27.86 -26.58 -0.29
CA GLN A 75 29.01 -26.31 -1.14
C GLN A 75 29.50 -24.86 -1.01
N ALA A 76 28.56 -23.94 -0.95
CA ALA A 76 28.89 -22.51 -0.78
C ALA A 76 29.72 -22.29 0.48
N GLU A 77 29.30 -22.93 1.56
CA GLU A 77 29.94 -22.76 2.87
C GLU A 77 31.28 -23.49 2.92
N GLU A 78 31.39 -24.63 2.25
CA GLU A 78 32.70 -25.31 2.15
CA GLU A 78 32.70 -25.31 2.15
C GLU A 78 33.72 -24.43 1.43
N ALA A 79 33.29 -23.71 0.39
CA ALA A 79 34.19 -22.89 -0.41
C ALA A 79 34.55 -21.55 0.29
N PHE A 80 33.54 -20.86 0.80
CA PHE A 80 33.69 -19.47 1.23
C PHE A 80 33.30 -19.22 2.67
N GLY A 81 32.96 -20.24 3.45
CA GLY A 81 32.51 -20.02 4.82
C GLY A 81 31.06 -19.64 4.94
N PRO A 82 30.60 -19.31 6.16
CA PRO A 82 29.19 -19.06 6.41
C PRO A 82 28.58 -18.05 5.45
N VAL A 83 27.37 -18.34 4.98
CA VAL A 83 26.66 -17.47 4.06
C VAL A 83 26.06 -16.31 4.82
N ASP A 84 26.54 -15.12 4.58
CA ASP A 84 26.07 -13.91 5.26
C ASP A 84 24.86 -13.31 4.54
N ILE A 85 24.81 -13.43 3.22
CA ILE A 85 23.86 -12.74 2.38
C ILE A 85 23.28 -13.75 1.38
N LEU A 86 21.95 -13.84 1.31
CA LEU A 86 21.27 -14.58 0.27
C LEU A 86 20.46 -13.58 -0.54
N VAL A 87 20.65 -13.58 -1.86
CA VAL A 87 19.83 -12.81 -2.78
C VAL A 87 19.07 -13.77 -3.67
N ASN A 88 17.74 -13.79 -3.50
CA ASN A 88 16.87 -14.67 -4.28
C ASN A 88 16.41 -13.91 -5.52
N ASN A 89 17.13 -14.08 -6.61
CA ASN A 89 16.79 -13.44 -7.91
C ASN A 89 16.27 -14.40 -8.94
N ALA A 90 16.47 -15.69 -8.78
CA ALA A 90 16.08 -16.66 -9.80
C ALA A 90 14.56 -16.60 -10.02
N GLY A 91 14.19 -16.62 -11.29
CA GLY A 91 12.76 -16.64 -11.64
C GLY A 91 12.63 -16.91 -13.11
N ILE A 92 11.52 -17.49 -13.51
CA ILE A 92 11.22 -17.75 -14.90
C ILE A 92 9.85 -17.15 -15.24
N ASN A 93 9.62 -17.00 -16.54
CA ASN A 93 8.29 -16.61 -17.04
C ASN A 93 7.76 -17.70 -17.96
N ARG A 94 6.47 -17.96 -17.82
CA ARG A 94 5.72 -18.76 -18.82
C ARG A 94 4.38 -18.01 -18.94
N ASP A 95 4.42 -16.88 -19.64
CA ASP A 95 3.25 -15.97 -19.63
C ASP A 95 2.11 -16.53 -20.49
N ALA A 96 0.90 -16.18 -20.10
CA ALA A 96 -0.29 -16.51 -20.81
C ALA A 96 -1.49 -15.81 -20.15
N MET A 97 -2.48 -15.51 -20.95
CA MET A 97 -3.73 -14.93 -20.43
C MET A 97 -4.39 -15.93 -19.45
N LEU A 98 -5.15 -15.40 -18.48
CA LEU A 98 -5.76 -16.26 -17.45
C LEU A 98 -6.59 -17.39 -18.04
N HIS A 99 -7.32 -17.12 -19.10
CA HIS A 99 -8.23 -18.11 -19.72
C HIS A 99 -7.50 -19.17 -20.57
N LYS A 100 -6.19 -18.97 -20.78
CA LYS A 100 -5.37 -19.84 -21.63
C LYS A 100 -4.20 -20.51 -20.92
N LEU A 101 -3.91 -20.14 -19.69
CA LEU A 101 -2.70 -20.60 -19.00
C LEU A 101 -2.84 -22.11 -18.70
N THR A 102 -1.89 -22.91 -19.21
CA THR A 102 -1.96 -24.32 -18.98
C THR A 102 -1.56 -24.64 -17.54
N GLU A 103 -2.04 -25.79 -17.09
CA GLU A 103 -1.66 -26.23 -15.77
C GLU A 103 -0.13 -26.40 -15.62
N ALA A 104 0.51 -26.93 -16.66
CA ALA A 104 1.96 -27.11 -16.56
C ALA A 104 2.68 -25.79 -16.44
N ASP A 105 2.24 -24.77 -17.17
CA ASP A 105 2.87 -23.48 -17.13
C ASP A 105 2.64 -22.75 -15.78
N TRP A 106 1.46 -22.96 -15.20
CA TRP A 106 1.18 -22.51 -13.84
C TRP A 106 2.15 -23.20 -12.88
N ASP A 107 2.17 -24.54 -12.94
CA ASP A 107 2.91 -25.31 -11.98
C ASP A 107 4.39 -24.97 -11.99
N THR A 108 4.96 -24.87 -13.19
CA THR A 108 6.39 -24.64 -13.31
C THR A 108 6.79 -23.31 -12.75
N VAL A 109 6.06 -22.25 -13.07
CA VAL A 109 6.40 -20.92 -12.56
C VAL A 109 6.26 -20.82 -11.03
N ILE A 110 5.22 -21.41 -10.44
CA ILE A 110 5.09 -21.41 -9.01
C ILE A 110 6.24 -22.19 -8.38
N ASP A 111 6.58 -23.33 -8.97
CA ASP A 111 7.60 -24.23 -8.39
C ASP A 111 8.97 -23.52 -8.34
N VAL A 112 9.38 -22.85 -9.41
CA VAL A 112 10.65 -22.16 -9.40
C VAL A 112 10.58 -20.88 -8.59
N ASN A 113 9.64 -19.99 -8.92
CA ASN A 113 9.70 -18.65 -8.44
C ASN A 113 9.26 -18.53 -7.02
N LEU A 114 8.27 -19.32 -6.63
CA LEU A 114 7.73 -19.20 -5.28
C LEU A 114 8.30 -20.28 -4.37
N LYS A 115 8.10 -21.53 -4.71
CA LYS A 115 8.66 -22.64 -3.88
C LYS A 115 10.16 -22.56 -3.81
N GLY A 116 10.82 -22.32 -4.94
CA GLY A 116 12.31 -22.25 -4.95
C GLY A 116 12.80 -21.14 -4.04
N THR A 117 12.14 -19.99 -4.06
CA THR A 117 12.53 -18.89 -3.17
C THR A 117 12.32 -19.30 -1.71
N PHE A 118 11.19 -19.96 -1.42
CA PHE A 118 10.98 -20.47 -0.05
C PHE A 118 12.12 -21.40 0.36
N LEU A 119 12.47 -22.37 -0.48
CA LEU A 119 13.47 -23.36 -0.09
C LEU A 119 14.82 -22.71 0.23
N CYS A 120 15.19 -21.71 -0.58
CA CYS A 120 16.45 -20.98 -0.33
C CYS A 120 16.37 -20.16 0.95
N MET A 121 15.26 -19.43 1.13
CA MET A 121 15.05 -18.68 2.37
C MET A 121 15.13 -19.58 3.56
N GLN A 122 14.59 -20.79 3.45
CA GLN A 122 14.58 -21.72 4.58
C GLN A 122 16.01 -22.15 4.93
N GLN A 123 16.80 -22.50 3.92
CA GLN A 123 18.19 -22.88 4.19
C GLN A 123 18.99 -21.73 4.82
N ALA A 124 18.74 -20.50 4.35
CA ALA A 124 19.39 -19.34 4.97
C ALA A 124 18.95 -19.15 6.40
N ALA A 125 17.64 -19.22 6.62
CA ALA A 125 17.08 -18.96 7.97
C ALA A 125 17.62 -19.96 8.98
N ILE A 126 17.73 -21.24 8.65
CA ILE A 126 18.17 -22.26 9.56
C ILE A 126 19.56 -21.85 10.11
N ARG A 127 20.40 -21.40 9.21
CA ARG A 127 21.77 -21.06 9.54
C ARG A 127 21.88 -19.70 10.23
N MET A 128 21.22 -18.71 9.63
CA MET A 128 21.39 -17.33 10.12
C MET A 128 20.81 -17.13 11.49
N ARG A 129 19.70 -17.81 11.80
CA ARG A 129 19.13 -17.64 13.13
C ARG A 129 20.01 -18.21 14.19
N GLU A 130 20.80 -19.23 13.89
CA GLU A 130 21.74 -19.80 14.87
C GLU A 130 22.96 -18.95 15.06
N ARG A 131 23.37 -18.32 14.00
CA ARG A 131 24.58 -17.47 14.01
C ARG A 131 24.30 -16.06 14.52
N GLY A 132 23.05 -15.64 14.51
CA GLY A 132 22.70 -14.31 15.05
C GLY A 132 22.98 -13.14 14.13
N ALA A 133 23.02 -13.40 12.84
CA ALA A 133 23.27 -12.38 11.85
C ALA A 133 22.89 -12.88 10.49
N GLY A 134 22.47 -11.97 9.62
CA GLY A 134 22.22 -12.35 8.24
C GLY A 134 21.47 -11.32 7.45
N ARG A 135 21.47 -11.53 6.14
CA ARG A 135 20.73 -10.70 5.19
C ARG A 135 20.06 -11.61 4.18
N ILE A 136 18.76 -11.45 3.96
CA ILE A 136 18.02 -12.12 2.90
C ILE A 136 17.38 -11.00 2.09
N ILE A 137 17.64 -10.98 0.78
CA ILE A 137 17.11 -9.94 -0.11
C ILE A 137 16.43 -10.68 -1.23
N ASN A 138 15.12 -10.50 -1.32
CA ASN A 138 14.33 -11.14 -2.37
C ASN A 138 14.07 -10.19 -3.49
N ILE A 139 14.31 -10.61 -4.72
CA ILE A 139 13.98 -9.77 -5.87
C ILE A 139 12.59 -10.18 -6.31
N ALA A 140 11.63 -9.26 -6.18
CA ALA A 140 10.24 -9.55 -6.56
C ALA A 140 10.11 -9.03 -8.01
N SER A 141 9.18 -8.13 -8.26
CA SER A 141 8.91 -7.67 -9.63
C SER A 141 7.88 -6.55 -9.51
N ALA A 142 7.93 -5.61 -10.43
CA ALA A 142 6.86 -4.66 -10.60
C ALA A 142 5.50 -5.32 -10.86
N SER A 143 5.52 -6.54 -11.39
CA SER A 143 4.31 -7.31 -11.66
C SER A 143 3.58 -7.84 -10.44
N TRP A 144 4.11 -7.69 -9.23
CA TRP A 144 3.48 -8.29 -8.06
C TRP A 144 2.09 -7.69 -7.79
N LEU A 145 1.84 -6.47 -8.26
CA LEU A 145 0.50 -5.85 -8.15
C LEU A 145 -0.29 -5.86 -9.46
N GLY A 146 0.02 -6.86 -10.28
CA GLY A 146 -0.70 -7.13 -11.48
C GLY A 146 -0.01 -6.78 -12.78
N ASN A 147 -0.17 -7.63 -13.79
CA ASN A 147 0.32 -7.33 -15.14
C ASN A 147 -0.36 -8.28 -16.10
N VAL A 148 -0.90 -7.75 -17.19
CA VAL A 148 -1.57 -8.56 -18.22
C VAL A 148 -0.66 -9.72 -18.65
N GLY A 149 -1.24 -10.91 -18.73
CA GLY A 149 -0.52 -12.11 -19.21
C GLY A 149 0.30 -12.80 -18.16
N GLN A 150 0.25 -12.36 -16.89
CA GLN A 150 1.15 -12.83 -15.87
C GLN A 150 0.42 -13.32 -14.62
N THR A 151 -0.68 -14.05 -14.82
CA THR A 151 -1.34 -14.66 -13.64
C THR A 151 -0.36 -15.45 -12.76
N ASN A 152 0.38 -16.36 -13.39
CA ASN A 152 1.34 -17.18 -12.65
C ASN A 152 2.50 -16.38 -12.08
N TYR A 153 3.06 -15.49 -12.92
CA TYR A 153 4.25 -14.72 -12.50
C TYR A 153 3.88 -13.74 -11.39
N SER A 154 2.80 -13.03 -11.54
CA SER A 154 2.33 -12.09 -10.50
C SER A 154 1.98 -12.82 -9.20
N ALA A 155 1.36 -13.99 -9.31
CA ALA A 155 1.10 -14.80 -8.12
C ALA A 155 2.39 -15.11 -7.42
N SER A 156 3.37 -15.57 -8.20
CA SER A 156 4.62 -16.00 -7.61
C SER A 156 5.36 -14.82 -6.92
N LYS A 157 5.38 -13.67 -7.56
CA LYS A 157 6.16 -12.57 -7.02
C LYS A 157 5.45 -11.84 -5.87
N ALA A 158 4.11 -11.76 -5.93
CA ALA A 158 3.37 -11.30 -4.74
C ALA A 158 3.57 -12.27 -3.59
N GLY A 159 3.58 -13.57 -3.88
CA GLY A 159 3.85 -14.55 -2.83
C GLY A 159 5.20 -14.35 -2.18
N VAL A 160 6.19 -14.00 -2.98
CA VAL A 160 7.55 -13.68 -2.44
C VAL A 160 7.47 -12.50 -1.47
N VAL A 161 6.70 -11.48 -1.80
CA VAL A 161 6.52 -10.36 -0.87
C VAL A 161 5.90 -10.80 0.44
N GLY A 162 4.86 -11.63 0.38
CA GLY A 162 4.26 -12.12 1.63
C GLY A 162 5.28 -12.88 2.45
N MET A 163 6.10 -13.72 1.82
CA MET A 163 7.06 -14.50 2.59
C MET A 163 8.14 -13.58 3.18
N THR A 164 8.52 -12.54 2.44
CA THR A 164 9.52 -11.58 2.92
C THR A 164 9.07 -10.98 4.24
N LYS A 165 7.81 -10.56 4.25
CA LYS A 165 7.28 -9.92 5.43
C LYS A 165 7.16 -10.89 6.62
N THR A 166 6.69 -12.09 6.35
CA THR A 166 6.65 -13.13 7.39
C THR A 166 8.05 -13.41 7.98
N ALA A 167 9.01 -13.53 7.08
CA ALA A 167 10.36 -13.85 7.51
C ALA A 167 10.98 -12.76 8.36
N CYS A 168 10.73 -11.50 7.98
CA CYS A 168 11.10 -10.37 8.85
C CYS A 168 10.55 -10.55 10.26
N ARG A 169 9.25 -10.86 10.37
CA ARG A 169 8.68 -10.99 11.68
C ARG A 169 9.31 -12.11 12.51
N GLU A 170 9.69 -13.20 11.86
CA GLU A 170 10.28 -14.33 12.57
C GLU A 170 11.76 -14.14 12.88
N LEU A 171 12.49 -13.47 12.00
CA LEU A 171 13.95 -13.48 12.07
C LEU A 171 14.60 -12.19 12.57
N ALA A 172 13.83 -11.11 12.60
CA ALA A 172 14.43 -9.82 13.04
C ALA A 172 15.08 -9.89 14.41
N LYS A 173 14.45 -10.57 15.35
CA LYS A 173 15.01 -10.65 16.70
C LYS A 173 16.28 -11.48 16.77
N LYS A 174 16.58 -12.21 15.72
CA LYS A 174 17.82 -13.00 15.60
C LYS A 174 18.92 -12.23 14.88
N GLY A 175 18.71 -10.95 14.60
CA GLY A 175 19.73 -10.16 13.90
C GLY A 175 19.77 -10.31 12.39
N VAL A 176 18.69 -10.80 11.80
CA VAL A 176 18.62 -10.98 10.41
C VAL A 176 17.63 -9.97 9.81
N THR A 177 17.93 -9.40 8.66
CA THR A 177 16.93 -8.60 7.96
C THR A 177 16.50 -9.31 6.70
N VAL A 178 15.22 -9.15 6.35
CA VAL A 178 14.62 -9.76 5.16
C VAL A 178 13.87 -8.66 4.49
N ASN A 179 14.24 -8.37 3.25
CA ASN A 179 13.66 -7.27 2.48
C ASN A 179 13.49 -7.69 1.06
N ALA A 180 12.65 -6.96 0.31
CA ALA A 180 12.43 -7.27 -1.10
C ALA A 180 12.69 -6.02 -1.93
N ILE A 181 13.18 -6.22 -3.14
CA ILE A 181 13.32 -5.15 -4.12
C ILE A 181 12.42 -5.49 -5.30
N CYS A 182 11.69 -4.51 -5.84
CA CYS A 182 10.92 -4.63 -7.12
C CYS A 182 11.59 -3.79 -8.18
N PRO A 183 12.40 -4.42 -9.06
CA PRO A 183 12.93 -3.64 -10.19
C PRO A 183 11.77 -3.10 -11.04
N GLY A 184 11.99 -1.95 -11.66
CA GLY A 184 11.08 -1.39 -12.66
C GLY A 184 11.40 -1.98 -14.00
N PHE A 185 11.49 -1.14 -14.99
CA PHE A 185 11.86 -1.53 -16.34
C PHE A 185 13.36 -1.34 -16.42
N ILE A 186 14.10 -2.45 -16.44
CA ILE A 186 15.57 -2.48 -16.47
C ILE A 186 16.02 -2.95 -17.84
N ASP A 187 16.98 -2.27 -18.44
CA ASP A 187 17.51 -2.54 -19.77
C ASP A 187 18.35 -3.81 -19.63
N THR A 188 17.80 -4.89 -20.19
CA THR A 188 18.46 -6.18 -20.26
C THR A 188 18.13 -6.77 -21.61
N ASP A 189 18.78 -7.91 -21.88
CA ASP A 189 18.44 -8.61 -23.11
C ASP A 189 16.96 -8.97 -23.21
N MET A 190 16.36 -9.26 -22.07
CA MET A 190 14.94 -9.65 -22.08
C MET A 190 13.99 -8.48 -22.39
N THR A 191 14.29 -7.33 -21.77
CA THR A 191 13.41 -6.18 -22.07
C THR A 191 13.69 -5.62 -23.43
N ARG A 192 14.92 -5.73 -23.96
CA ARG A 192 15.18 -5.31 -25.32
C ARG A 192 14.51 -6.19 -26.39
N GLY A 193 13.97 -7.34 -25.97
CA GLY A 193 13.28 -8.23 -26.88
C GLY A 193 11.77 -8.04 -27.02
N VAL A 194 11.21 -7.07 -26.30
CA VAL A 194 9.84 -6.71 -26.47
C VAL A 194 9.66 -5.94 -27.77
N PRO A 195 8.42 -5.91 -28.29
CA PRO A 195 8.17 -5.09 -29.49
C PRO A 195 8.47 -3.60 -29.27
N GLU A 196 8.84 -2.93 -30.33
CA GLU A 196 9.12 -1.49 -30.29
C GLU A 196 7.99 -0.67 -29.61
N ASN A 197 6.71 -0.96 -29.94
CA ASN A 197 5.59 -0.19 -29.37
C ASN A 197 5.52 -0.36 -27.85
N VAL A 198 5.82 -1.56 -27.37
CA VAL A 198 5.83 -1.87 -25.94
C VAL A 198 7.00 -1.16 -25.25
N TRP A 199 8.19 -1.12 -25.87
CA TRP A 199 9.32 -0.41 -25.33
C TRP A 199 8.97 1.10 -25.14
N GLN A 200 8.36 1.67 -26.15
CA GLN A 200 8.02 3.10 -26.10
C GLN A 200 7.01 3.38 -25.07
N ILE A 201 6.01 2.52 -24.96
CA ILE A 201 4.99 2.64 -23.91
C ILE A 201 5.66 2.57 -22.53
N MET A 202 6.51 1.59 -22.32
CA MET A 202 7.20 1.44 -21.03
C MET A 202 8.06 2.66 -20.70
N ILE A 203 8.85 3.18 -21.64
CA ILE A 203 9.65 4.37 -21.34
C ILE A 203 8.72 5.56 -20.97
N SER A 204 7.55 5.67 -21.63
CA SER A 204 6.61 6.74 -21.32
C SER A 204 6.03 6.62 -19.92
N LYS A 205 6.10 5.45 -19.28
CA LYS A 205 5.60 5.25 -17.93
C LYS A 205 6.66 5.52 -16.86
N ILE A 206 7.89 5.84 -17.30
CA ILE A 206 9.01 6.02 -16.32
C ILE A 206 9.30 7.53 -16.21
N PRO A 207 9.01 8.11 -15.02
CA PRO A 207 9.33 9.51 -14.86
C PRO A 207 10.80 9.90 -15.18
N ALA A 208 11.73 9.06 -14.77
CA ALA A 208 13.17 9.29 -15.11
C ALA A 208 13.46 9.37 -16.59
N GLY A 209 12.63 8.70 -17.39
CA GLY A 209 12.73 8.84 -18.86
C GLY A 209 13.70 7.86 -19.53
N TYR A 210 14.21 6.89 -18.77
CA TYR A 210 15.13 5.88 -19.30
C TYR A 210 14.96 4.62 -18.51
N ALA A 211 15.27 3.48 -19.14
CA ALA A 211 15.31 2.20 -18.50
C ALA A 211 16.59 2.06 -17.69
N GLY A 212 16.47 1.53 -16.51
CA GLY A 212 17.58 1.41 -15.56
C GLY A 212 18.55 0.29 -15.97
N GLU A 213 19.62 0.13 -15.22
CA GLU A 213 20.64 -0.91 -15.49
C GLU A 213 20.60 -1.93 -14.39
N ALA A 214 21.09 -3.14 -14.68
CA ALA A 214 21.14 -4.14 -13.64
C ALA A 214 21.89 -3.66 -12.41
N LYS A 215 22.95 -2.92 -12.60
CA LYS A 215 23.71 -2.39 -11.46
C LYS A 215 22.91 -1.46 -10.56
N ASP A 216 21.85 -0.83 -11.08
CA ASP A 216 21.02 -0.02 -10.19
C ASP A 216 20.35 -0.89 -9.18
N VAL A 217 19.85 -2.06 -9.56
CA VAL A 217 19.31 -2.99 -8.63
C VAL A 217 20.40 -3.44 -7.66
N GLY A 218 21.58 -3.73 -8.19
CA GLY A 218 22.69 -4.13 -7.37
C GLY A 218 23.08 -3.14 -6.26
N GLU A 219 23.05 -1.86 -6.58
CA GLU A 219 23.36 -0.83 -5.54
C GLU A 219 22.40 -0.92 -4.37
N CYS A 220 21.11 -1.11 -4.64
CA CYS A 220 20.15 -1.22 -3.55
C CYS A 220 20.36 -2.51 -2.76
N VAL A 221 20.66 -3.62 -3.46
CA VAL A 221 20.96 -4.86 -2.77
C VAL A 221 22.16 -4.67 -1.83
N ALA A 222 23.21 -4.03 -2.33
CA ALA A 222 24.43 -3.87 -1.56
C ALA A 222 24.19 -3.01 -0.33
N PHE A 223 23.37 -1.95 -0.46
CA PHE A 223 23.01 -1.19 0.74
C PHE A 223 22.26 -2.04 1.72
N LEU A 224 21.21 -2.74 1.28
CA LEU A 224 20.44 -3.54 2.24
C LEU A 224 21.31 -4.62 2.92
N ALA A 225 22.32 -5.14 2.18
CA ALA A 225 23.22 -6.14 2.72
C ALA A 225 24.19 -5.62 3.73
N SER A 226 24.38 -4.31 3.77
CA SER A 226 25.37 -3.68 4.60
C SER A 226 24.95 -3.55 6.07
N ASP A 227 25.94 -3.34 6.93
CA ASP A 227 25.64 -3.12 8.37
C ASP A 227 24.79 -1.91 8.60
N GLY A 228 24.97 -0.88 7.76
CA GLY A 228 24.15 0.32 7.83
C GLY A 228 22.67 0.19 7.73
N ALA A 229 22.23 -0.89 7.08
CA ALA A 229 20.81 -1.16 6.88
C ALA A 229 20.26 -2.16 7.89
N ARG A 230 20.88 -2.30 9.05
CA ARG A 230 20.44 -3.26 10.06
C ARG A 230 19.00 -3.04 10.56
N TYR A 231 18.50 -1.82 10.47
CA TYR A 231 17.17 -1.46 10.96
C TYR A 231 16.13 -1.36 9.88
N ILE A 232 16.47 -1.75 8.63
CA ILE A 232 15.50 -1.84 7.57
C ILE A 232 15.07 -3.28 7.46
N ASN A 233 13.78 -3.58 7.69
CA ASN A 233 13.35 -4.97 7.73
C ASN A 233 11.92 -5.05 7.27
N GLY A 234 11.64 -6.02 6.39
CA GLY A 234 10.28 -6.24 5.88
C GLY A 234 9.86 -5.29 4.81
N GLU A 235 10.79 -4.54 4.22
CA GLU A 235 10.46 -3.54 3.22
C GLU A 235 10.37 -4.09 1.82
N VAL A 236 9.64 -3.37 0.97
CA VAL A 236 9.55 -3.66 -0.45
C VAL A 236 9.95 -2.39 -1.14
N ILE A 237 11.12 -2.34 -1.72
CA ILE A 237 11.66 -1.11 -2.29
C ILE A 237 11.68 -1.21 -3.82
N ASN A 238 11.03 -0.27 -4.49
CA ASN A 238 11.04 -0.21 -5.94
C ASN A 238 12.30 0.48 -6.42
N VAL A 239 12.96 -0.13 -7.39
CA VAL A 239 14.10 0.47 -8.08
C VAL A 239 13.69 0.61 -9.54
N GLY A 240 13.04 1.71 -9.83
CA GLY A 240 12.33 1.91 -11.10
C GLY A 240 12.18 3.26 -11.63
N GLY A 241 12.92 4.26 -11.13
CA GLY A 241 12.85 5.60 -11.68
C GLY A 241 11.48 6.25 -11.60
N GLY A 242 10.67 5.79 -10.64
CA GLY A 242 9.34 6.30 -10.45
C GLY A 242 8.24 5.54 -11.21
N MET A 243 8.61 4.51 -11.98
CA MET A 243 7.63 3.84 -12.83
CA MET A 243 7.63 3.84 -12.83
C MET A 243 6.53 3.14 -12.04
N VAL A 244 5.28 3.37 -12.47
CA VAL A 244 4.14 2.62 -11.89
C VAL A 244 3.56 1.74 -13.01
N LEU A 245 3.55 0.43 -12.77
CA LEU A 245 3.19 -0.51 -13.85
C LEU A 245 1.66 -0.54 -13.93
N SER B 1 -33.11 -4.95 -0.59
CA SER B 1 -33.68 -6.30 -0.88
C SER B 1 -33.34 -6.73 -2.32
N MET B 2 -32.97 -7.98 -2.47
CA MET B 2 -32.86 -8.64 -3.75
C MET B 2 -31.86 -7.97 -4.73
N ALA B 3 -30.71 -7.52 -4.22
CA ALA B 3 -29.68 -6.95 -5.06
C ALA B 3 -29.12 -7.97 -6.07
N LEU B 4 -29.21 -9.27 -5.77
CA LEU B 4 -28.61 -10.29 -6.59
C LEU B 4 -29.68 -11.25 -7.12
N ALA B 5 -30.90 -10.77 -7.29
CA ALA B 5 -32.00 -11.62 -7.72
C ALA B 5 -31.72 -12.46 -8.95
N SER B 6 -31.85 -13.78 -8.80
CA SER B 6 -31.59 -14.84 -9.78
C SER B 6 -30.21 -14.92 -10.38
N LYS B 7 -29.26 -14.27 -9.75
CA LYS B 7 -27.86 -14.53 -10.08
C LYS B 7 -27.41 -15.87 -9.51
N THR B 8 -26.53 -16.53 -10.18
CA THR B 8 -25.97 -17.81 -9.73
C THR B 8 -24.58 -17.56 -9.15
N ALA B 9 -24.32 -18.07 -7.93
CA ALA B 9 -23.04 -17.87 -7.29
C ALA B 9 -22.44 -19.19 -6.87
N ILE B 10 -21.16 -19.37 -7.12
CA ILE B 10 -20.39 -20.46 -6.51
C ILE B 10 -19.55 -19.89 -5.40
N VAL B 11 -19.65 -20.46 -4.19
CA VAL B 11 -18.80 -20.06 -3.05
C VAL B 11 -18.01 -21.30 -2.66
N THR B 12 -16.69 -21.23 -2.83
CA THR B 12 -15.84 -22.35 -2.41
C THR B 12 -15.56 -22.26 -0.91
N GLY B 13 -15.36 -23.42 -0.29
CA GLY B 13 -15.10 -23.46 1.16
C GLY B 13 -16.28 -22.97 1.98
N ALA B 14 -17.51 -23.19 1.53
CA ALA B 14 -18.66 -22.57 2.15
C ALA B 14 -19.48 -23.48 3.08
N ALA B 15 -18.95 -24.65 3.46
CA ALA B 15 -19.67 -25.50 4.36
C ALA B 15 -19.78 -24.91 5.77
N ARG B 16 -18.76 -24.15 6.16
CA ARG B 16 -18.68 -23.57 7.52
C ARG B 16 -18.02 -22.21 7.47
N GLY B 17 -17.94 -21.56 8.61
CA GLY B 17 -17.10 -20.40 8.75
C GLY B 17 -17.47 -19.21 7.92
N ILE B 18 -16.41 -18.48 7.51
CA ILE B 18 -16.59 -17.27 6.70
C ILE B 18 -17.38 -17.60 5.44
N GLY B 19 -17.07 -18.70 4.79
CA GLY B 19 -17.71 -19.04 3.53
C GLY B 19 -19.20 -19.28 3.67
N PHE B 20 -19.61 -19.92 4.75
CA PHE B 20 -21.04 -20.15 4.95
C PHE B 20 -21.75 -18.80 5.18
N GLY B 21 -21.13 -17.88 5.95
CA GLY B 21 -21.74 -16.54 6.13
C GLY B 21 -21.84 -15.79 4.83
N ILE B 22 -20.86 -15.94 3.97
CA ILE B 22 -20.95 -15.34 2.63
C ILE B 22 -22.16 -15.92 1.88
N ALA B 23 -22.24 -17.25 1.87
CA ALA B 23 -23.38 -17.89 1.23
C ALA B 23 -24.73 -17.42 1.77
N GLN B 24 -24.84 -17.26 3.09
CA GLN B 24 -26.07 -16.76 3.67
C GLN B 24 -26.48 -15.37 3.14
N VAL B 25 -25.50 -14.47 3.08
CA VAL B 25 -25.81 -13.13 2.63
C VAL B 25 -26.16 -13.13 1.14
N LEU B 26 -25.44 -13.86 0.32
CA LEU B 26 -25.77 -13.93 -1.09
C LEU B 26 -27.20 -14.46 -1.31
N ALA B 27 -27.53 -15.50 -0.59
CA ALA B 27 -28.91 -16.08 -0.62
C ALA B 27 -29.94 -15.08 -0.16
N ARG B 28 -29.63 -14.30 0.89
CA ARG B 28 -30.56 -13.29 1.39
C ARG B 28 -30.87 -12.27 0.28
N GLU B 29 -29.87 -11.95 -0.53
CA GLU B 29 -30.01 -11.01 -1.63
C GLU B 29 -30.52 -11.63 -2.92
N GLY B 30 -30.91 -12.89 -2.87
CA GLY B 30 -31.60 -13.54 -3.99
C GLY B 30 -30.79 -14.42 -4.89
N ALA B 31 -29.51 -14.63 -4.61
CA ALA B 31 -28.68 -15.48 -5.42
C ALA B 31 -29.00 -16.92 -5.18
N ARG B 32 -28.91 -17.73 -6.24
CA ARG B 32 -28.92 -19.20 -6.10
C ARG B 32 -27.49 -19.63 -5.86
N VAL B 33 -27.26 -20.40 -4.81
CA VAL B 33 -25.92 -20.60 -4.32
C VAL B 33 -25.45 -22.06 -4.42
N ILE B 34 -24.28 -22.25 -5.02
CA ILE B 34 -23.57 -23.53 -5.01
C ILE B 34 -22.53 -23.47 -3.89
N ILE B 35 -22.67 -24.33 -2.90
CA ILE B 35 -21.65 -24.54 -1.88
C ILE B 35 -20.69 -25.58 -2.45
N ALA B 36 -19.44 -25.20 -2.72
CA ALA B 36 -18.44 -26.11 -3.21
C ALA B 36 -17.45 -26.38 -2.07
N ASP B 37 -17.31 -27.62 -1.64
CA ASP B 37 -16.42 -27.89 -0.54
C ASP B 37 -16.06 -29.38 -0.57
N ARG B 38 -15.00 -29.73 0.12
CA ARG B 38 -14.71 -31.15 0.41
C ARG B 38 -15.42 -31.64 1.64
N ASP B 39 -15.68 -30.74 2.57
CA ASP B 39 -16.37 -31.05 3.82
C ASP B 39 -17.80 -31.49 3.56
N ALA B 40 -18.14 -32.70 3.98
CA ALA B 40 -19.49 -33.27 3.77
C ALA B 40 -20.58 -32.50 4.51
N HIS B 41 -20.19 -31.66 5.50
CA HIS B 41 -21.13 -30.80 6.18
C HIS B 41 -21.72 -29.80 5.18
N GLY B 42 -21.14 -29.73 4.00
CA GLY B 42 -21.67 -28.86 2.95
C GLY B 42 -23.12 -29.17 2.63
N GLU B 43 -23.50 -30.42 2.72
CA GLU B 43 -24.89 -30.77 2.45
C GLU B 43 -25.85 -30.12 3.48
N ALA B 44 -25.49 -30.22 4.76
CA ALA B 44 -26.27 -29.58 5.83
C ALA B 44 -26.30 -28.04 5.66
N ALA B 45 -25.20 -27.48 5.21
CA ALA B 45 -25.10 -26.03 4.89
C ALA B 45 -26.12 -25.67 3.79
N ALA B 46 -26.09 -26.45 2.70
CA ALA B 46 -27.05 -26.16 1.61
C ALA B 46 -28.49 -26.34 2.07
N ALA B 47 -28.75 -27.36 2.88
CA ALA B 47 -30.07 -27.61 3.43
C ALA B 47 -30.54 -26.47 4.32
N SER B 48 -29.62 -25.88 5.10
CA SER B 48 -29.99 -24.75 5.95
C SER B 48 -30.46 -23.58 5.08
N LEU B 49 -29.74 -23.32 4.00
CA LEU B 49 -30.14 -22.26 3.11
C LEU B 49 -31.53 -22.52 2.49
N ARG B 50 -31.73 -23.77 2.06
CA ARG B 50 -33.01 -24.17 1.45
C ARG B 50 -34.17 -24.01 2.41
N GLU B 51 -33.93 -24.38 3.67
CA GLU B 51 -34.94 -24.25 4.72
C GLU B 51 -35.41 -22.81 4.92
N SER B 52 -34.52 -21.86 4.70
CA SER B 52 -34.86 -20.44 4.73
C SER B 52 -35.56 -19.91 3.46
N GLY B 53 -35.70 -20.71 2.41
CA GLY B 53 -36.38 -20.32 1.18
C GLY B 53 -35.52 -20.04 -0.01
N ALA B 54 -34.22 -20.17 0.17
CA ALA B 54 -33.26 -19.95 -0.91
C ALA B 54 -33.06 -21.23 -1.72
N GLN B 55 -32.58 -21.05 -2.94
CA GLN B 55 -32.15 -22.20 -3.75
C GLN B 55 -30.66 -22.37 -3.57
N ALA B 56 -30.29 -23.56 -3.11
CA ALA B 56 -28.90 -23.89 -2.89
C ALA B 56 -28.63 -25.34 -3.09
N LEU B 57 -27.39 -25.62 -3.48
CA LEU B 57 -26.94 -27.00 -3.73
CA LEU B 57 -26.94 -27.00 -3.73
C LEU B 57 -25.52 -27.15 -3.26
N PHE B 58 -25.23 -28.31 -2.68
CA PHE B 58 -23.85 -28.70 -2.33
C PHE B 58 -23.27 -29.54 -3.45
N ILE B 59 -22.06 -29.19 -3.86
CA ILE B 59 -21.26 -29.99 -4.78
C ILE B 59 -19.94 -30.26 -4.11
N SER B 60 -19.68 -31.55 -3.87
CA SER B 60 -18.40 -31.99 -3.28
C SER B 60 -17.30 -31.80 -4.34
N CYS B 61 -16.21 -31.13 -4.00
N CYS B 61 -16.21 -31.13 -4.00
CA CYS B 61 -15.18 -30.78 -4.99
CA CYS B 61 -15.10 -31.03 -4.91
C CYS B 61 -13.86 -30.56 -4.23
C CYS B 61 -13.85 -30.60 -4.22
N ASN B 62 -12.76 -31.08 -4.79
CA ASN B 62 -11.42 -30.68 -4.37
C ASN B 62 -10.90 -29.69 -5.40
N ILE B 63 -10.84 -28.42 -5.03
CA ILE B 63 -10.48 -27.37 -5.98
C ILE B 63 -9.03 -27.37 -6.42
N ALA B 64 -8.17 -28.19 -5.80
CA ALA B 64 -6.82 -28.33 -6.30
C ALA B 64 -6.72 -29.16 -7.55
N GLU B 65 -7.77 -29.88 -7.94
CA GLU B 65 -7.76 -30.71 -9.13
C GLU B 65 -8.56 -30.09 -10.23
N LYS B 66 -7.88 -29.75 -11.34
CA LYS B 66 -8.53 -29.09 -12.45
C LYS B 66 -9.79 -29.83 -12.98
N THR B 67 -9.71 -31.14 -13.10
CA THR B 67 -10.87 -31.89 -13.62
C THR B 67 -12.09 -31.72 -12.71
N GLN B 68 -11.85 -31.68 -11.39
CA GLN B 68 -12.97 -31.46 -10.44
C GLN B 68 -13.53 -30.06 -10.53
N VAL B 69 -12.67 -29.07 -10.72
CA VAL B 69 -13.14 -27.69 -10.91
C VAL B 69 -13.93 -27.57 -12.20
N GLU B 70 -13.48 -28.22 -13.26
CA GLU B 70 -14.25 -28.22 -14.51
C GLU B 70 -15.64 -28.83 -14.30
N ALA B 71 -15.68 -29.95 -13.58
CA ALA B 71 -16.95 -30.60 -13.28
C ALA B 71 -17.87 -29.75 -12.38
N LEU B 72 -17.27 -29.08 -11.41
CA LEU B 72 -18.00 -28.18 -10.55
C LEU B 72 -18.74 -27.12 -11.37
N PHE B 73 -18.02 -26.47 -12.27
CA PHE B 73 -18.64 -25.42 -13.07
C PHE B 73 -19.69 -25.98 -14.00
N SER B 74 -19.44 -27.13 -14.63
CA SER B 74 -20.44 -27.69 -15.52
CA SER B 74 -20.43 -27.70 -15.54
C SER B 74 -21.71 -28.09 -14.77
N GLN B 75 -21.55 -28.70 -13.61
CA GLN B 75 -22.69 -29.09 -12.80
C GLN B 75 -23.46 -27.88 -12.24
N ALA B 76 -22.72 -26.87 -11.80
CA ALA B 76 -23.34 -25.65 -11.31
C ALA B 76 -24.25 -25.02 -12.38
N GLU B 77 -23.77 -24.98 -13.61
CA GLU B 77 -24.47 -24.34 -14.70
C GLU B 77 -25.64 -25.20 -15.18
N GLU B 78 -25.49 -26.53 -15.14
CA GLU B 78 -26.64 -27.41 -15.43
C GLU B 78 -27.77 -27.19 -14.42
N ALA B 79 -27.45 -26.97 -13.16
CA ALA B 79 -28.45 -26.77 -12.11
C ALA B 79 -29.09 -25.40 -12.13
N PHE B 80 -28.28 -24.35 -12.21
CA PHE B 80 -28.72 -22.99 -11.95
C PHE B 80 -28.47 -22.03 -13.09
N GLY B 81 -27.95 -22.49 -14.23
CA GLY B 81 -27.62 -21.57 -15.32
C GLY B 81 -26.28 -20.91 -15.16
N PRO B 82 -25.94 -19.97 -16.05
CA PRO B 82 -24.62 -19.34 -16.04
C PRO B 82 -24.18 -18.82 -14.70
N VAL B 83 -22.92 -19.05 -14.36
CA VAL B 83 -22.36 -18.59 -13.10
C VAL B 83 -22.03 -17.09 -13.23
N ASP B 84 -22.72 -16.29 -12.47
CA ASP B 84 -22.53 -14.83 -12.49
C ASP B 84 -21.48 -14.40 -11.50
N ILE B 85 -21.36 -15.13 -10.38
CA ILE B 85 -20.53 -14.73 -9.25
C ILE B 85 -19.70 -15.92 -8.81
N LEU B 86 -18.38 -15.74 -8.71
CA LEU B 86 -17.52 -16.75 -8.10
C LEU B 86 -16.90 -16.10 -6.87
N VAL B 87 -17.02 -16.75 -5.71
CA VAL B 87 -16.35 -16.35 -4.50
C VAL B 87 -15.35 -17.43 -4.14
N ASN B 88 -14.05 -17.08 -4.22
CA ASN B 88 -12.97 -18.04 -3.87
C ASN B 88 -12.65 -17.85 -2.40
N ASN B 89 -13.29 -18.65 -1.56
CA ASN B 89 -13.08 -18.57 -0.10
C ASN B 89 -12.30 -19.73 0.46
N ALA B 90 -12.22 -20.86 -0.26
CA ALA B 90 -11.58 -22.02 0.26
C ALA B 90 -10.11 -21.73 0.61
N GLY B 91 -9.71 -22.22 1.78
CA GLY B 91 -8.34 -21.97 2.26
C GLY B 91 -8.08 -22.89 3.43
N ILE B 92 -6.83 -23.36 3.59
CA ILE B 92 -6.43 -24.15 4.72
C ILE B 92 -5.13 -23.58 5.28
N ASN B 93 -4.82 -23.96 6.51
CA ASN B 93 -3.57 -23.58 7.17
C ASN B 93 -2.83 -24.85 7.56
N ARG B 94 -1.52 -24.81 7.39
CA ARG B 94 -0.59 -25.79 7.91
C ARG B 94 0.60 -24.96 8.39
N ASP B 95 0.42 -24.30 9.52
CA ASP B 95 1.41 -23.29 9.98
C ASP B 95 2.66 -23.96 10.50
N ALA B 96 3.78 -23.23 10.35
CA ALA B 96 5.05 -23.62 10.90
C ALA B 96 6.03 -22.47 10.66
N MET B 97 6.99 -22.37 11.59
CA MET B 97 8.08 -21.37 11.43
C MET B 97 8.86 -21.66 10.13
N LEU B 98 9.47 -20.63 9.55
CA LEU B 98 10.18 -20.78 8.29
C LEU B 98 11.25 -21.86 8.33
N HIS B 99 11.95 -21.98 9.43
CA HIS B 99 13.07 -22.92 9.59
C HIS B 99 12.62 -24.37 9.82
N LYS B 100 11.30 -24.55 10.03
CA LYS B 100 10.72 -25.88 10.37
C LYS B 100 9.68 -26.35 9.33
N LEU B 101 9.24 -25.51 8.41
CA LEU B 101 8.12 -25.83 7.53
C LEU B 101 8.47 -26.99 6.61
N THR B 102 7.72 -28.09 6.67
CA THR B 102 7.98 -29.20 5.83
C THR B 102 7.55 -28.91 4.40
N GLU B 103 8.19 -29.63 3.50
CA GLU B 103 7.79 -29.50 2.10
C GLU B 103 6.31 -29.91 1.89
N ALA B 104 5.87 -30.95 2.58
CA ALA B 104 4.47 -31.38 2.43
C ALA B 104 3.51 -30.26 2.88
N ASP B 105 3.82 -29.61 3.99
CA ASP B 105 2.96 -28.56 4.51
C ASP B 105 2.95 -27.31 3.60
N TRP B 106 4.11 -27.00 3.01
CA TRP B 106 4.21 -25.98 1.98
C TRP B 106 3.29 -26.36 0.81
N ASP B 107 3.51 -27.55 0.28
CA ASP B 107 2.83 -27.95 -0.94
C ASP B 107 1.32 -27.93 -0.77
N THR B 108 0.81 -28.45 0.34
CA THR B 108 -0.61 -28.58 0.56
CA THR B 108 -0.62 -28.58 0.53
C THR B 108 -1.30 -27.21 0.57
N VAL B 109 -0.70 -26.26 1.30
CA VAL B 109 -1.30 -24.94 1.39
C VAL B 109 -1.28 -24.18 0.06
N ILE B 110 -0.19 -24.26 -0.67
CA ILE B 110 -0.13 -23.61 -1.98
C ILE B 110 -1.15 -24.26 -2.93
N ASP B 111 -1.26 -25.56 -2.87
CA ASP B 111 -2.15 -26.31 -3.79
C ASP B 111 -3.60 -25.91 -3.61
N VAL B 112 -4.07 -25.85 -2.37
CA VAL B 112 -5.45 -25.47 -2.10
C VAL B 112 -5.66 -23.98 -2.29
N ASN B 113 -4.85 -23.17 -1.59
CA ASN B 113 -5.19 -21.79 -1.45
C ASN B 113 -4.88 -20.99 -2.70
N LEU B 114 -3.75 -21.30 -3.32
CA LEU B 114 -3.29 -20.52 -4.45
C LEU B 114 -3.66 -21.17 -5.78
N LYS B 115 -3.24 -22.42 -5.99
CA LYS B 115 -3.59 -23.13 -7.22
C LYS B 115 -5.11 -23.30 -7.34
N GLY B 116 -5.76 -23.69 -6.22
CA GLY B 116 -7.22 -23.88 -6.30
C GLY B 116 -7.94 -22.62 -6.69
N THR B 117 -7.52 -21.48 -6.15
CA THR B 117 -8.12 -20.21 -6.53
C THR B 117 -7.84 -19.90 -8.00
N PHE B 118 -6.62 -20.14 -8.47
CA PHE B 118 -6.34 -19.96 -9.90
C PHE B 118 -7.27 -20.81 -10.75
N LEU B 119 -7.41 -22.09 -10.43
CA LEU B 119 -8.19 -22.97 -11.27
C LEU B 119 -9.65 -22.52 -11.37
N CYS B 120 -10.20 -22.09 -10.25
CA CYS B 120 -11.58 -21.60 -10.24
C CYS B 120 -11.70 -20.27 -11.00
N MET B 121 -10.76 -19.33 -10.75
CA MET B 121 -10.75 -18.08 -11.50
C MET B 121 -10.69 -18.34 -12.98
N GLN B 122 -9.91 -19.33 -13.40
CA GLN B 122 -9.76 -19.63 -14.79
C GLN B 122 -11.08 -20.11 -15.41
N GLN B 123 -11.75 -21.04 -14.72
CA GLN B 123 -13.02 -21.50 -15.24
C GLN B 123 -14.08 -20.40 -15.30
N ALA B 124 -14.07 -19.49 -14.32
CA ALA B 124 -14.99 -18.34 -14.37
C ALA B 124 -14.63 -17.42 -15.53
N ALA B 125 -13.35 -17.12 -15.68
CA ALA B 125 -12.92 -16.20 -16.74
C ALA B 125 -13.26 -16.66 -18.11
N ILE B 126 -13.09 -17.97 -18.40
CA ILE B 126 -13.34 -18.50 -19.73
C ILE B 126 -14.81 -18.15 -20.11
N ARG B 127 -15.69 -18.37 -19.15
CA ARG B 127 -17.13 -18.17 -19.34
C ARG B 127 -17.52 -16.70 -19.34
N MET B 128 -17.06 -15.99 -18.33
CA MET B 128 -17.51 -14.61 -18.13
C MET B 128 -17.03 -13.69 -19.24
N ARG B 129 -15.84 -13.93 -19.76
CA ARG B 129 -15.36 -13.06 -20.81
C ARG B 129 -16.15 -13.22 -22.08
N GLU B 130 -16.70 -14.41 -22.33
CA GLU B 130 -17.55 -14.64 -23.52
C GLU B 130 -18.92 -14.06 -23.35
N ARG B 131 -19.42 -14.07 -22.14
CA ARG B 131 -20.75 -13.57 -21.85
C ARG B 131 -20.80 -12.07 -21.64
N GLY B 132 -19.67 -11.45 -21.36
CA GLY B 132 -19.63 -9.99 -21.18
C GLY B 132 -20.08 -9.46 -19.86
N ALA B 133 -20.04 -10.29 -18.83
CA ALA B 133 -20.43 -9.88 -17.49
C ALA B 133 -19.89 -10.87 -16.49
N GLY B 134 -19.66 -10.41 -15.27
CA GLY B 134 -19.32 -11.35 -14.19
C GLY B 134 -18.71 -10.65 -12.99
N ARG B 135 -18.60 -11.42 -11.91
CA ARG B 135 -18.00 -10.99 -10.66
C ARG B 135 -17.13 -12.11 -10.13
N ILE B 136 -15.89 -11.80 -9.79
CA ILE B 136 -14.99 -12.73 -9.11
C ILE B 136 -14.55 -12.01 -7.84
N ILE B 137 -14.74 -12.64 -6.70
CA ILE B 137 -14.40 -12.06 -5.41
C ILE B 137 -13.53 -13.08 -4.70
N ASN B 138 -12.28 -12.69 -4.46
CA ASN B 138 -11.32 -13.57 -3.79
C ASN B 138 -11.21 -13.22 -2.34
N ILE B 139 -11.28 -14.22 -1.46
CA ILE B 139 -11.08 -13.95 -0.04
C ILE B 139 -9.61 -14.21 0.24
N ALA B 140 -8.85 -13.18 0.57
CA ALA B 140 -7.44 -13.30 0.86
C ALA B 140 -7.34 -13.43 2.39
N SER B 141 -6.55 -12.61 3.06
CA SER B 141 -6.34 -12.72 4.50
C SER B 141 -5.56 -11.50 4.92
N ALA B 142 -5.73 -11.09 6.16
CA ALA B 142 -4.87 -10.07 6.74
C ALA B 142 -3.40 -10.53 6.75
N SER B 143 -3.16 -11.84 6.71
CA SER B 143 -1.78 -12.40 6.64
C SER B 143 -1.04 -12.19 5.36
N TRP B 144 -1.65 -11.61 4.33
CA TRP B 144 -0.96 -11.47 3.04
C TRP B 144 0.24 -10.57 3.14
N LEU B 145 0.27 -9.67 4.14
CA LEU B 145 1.43 -8.80 4.39
C LEU B 145 2.29 -9.23 5.57
N GLY B 146 2.25 -10.55 5.84
CA GLY B 146 3.09 -11.18 6.81
C GLY B 146 2.36 -11.62 8.08
N ASN B 147 2.81 -12.74 8.65
CA ASN B 147 2.35 -13.14 9.99
C ASN B 147 3.25 -14.27 10.44
N VAL B 148 3.72 -14.23 11.68
CA VAL B 148 4.58 -15.27 12.24
C VAL B 148 3.93 -16.65 12.05
N GLY B 149 4.75 -17.62 11.62
CA GLY B 149 4.34 -18.99 11.44
C GLY B 149 3.61 -19.29 10.15
N GLN B 150 3.52 -18.32 9.23
CA GLN B 150 2.65 -18.43 8.08
C GLN B 150 3.39 -18.13 6.77
N THR B 151 4.63 -18.63 6.66
CA THR B 151 5.33 -18.54 5.39
C THR B 151 4.47 -19.03 4.21
N ASN B 152 3.95 -20.27 4.34
CA ASN B 152 3.10 -20.84 3.25
C ASN B 152 1.79 -20.10 3.06
N TYR B 153 1.12 -19.81 4.18
CA TYR B 153 -0.20 -19.17 4.13
C TYR B 153 -0.12 -17.77 3.58
N SER B 154 0.86 -16.99 4.10
CA SER B 154 1.06 -15.64 3.56
C SER B 154 1.46 -15.64 2.11
N ALA B 155 2.32 -16.57 1.71
CA ALA B 155 2.64 -16.70 0.28
C ALA B 155 1.39 -16.91 -0.54
N SER B 156 0.57 -17.84 -0.09
CA SER B 156 -0.62 -18.21 -0.83
C SER B 156 -1.59 -17.03 -0.96
N LYS B 157 -1.80 -16.30 0.12
CA LYS B 157 -2.82 -15.23 0.11
C LYS B 157 -2.32 -13.97 -0.55
N ALA B 158 -1.02 -13.64 -0.42
CA ALA B 158 -0.45 -12.58 -1.23
C ALA B 158 -0.50 -12.95 -2.70
N GLY B 159 -0.25 -14.20 -3.04
CA GLY B 159 -0.34 -14.64 -4.40
C GLY B 159 -1.74 -14.44 -4.97
N VAL B 160 -2.76 -14.69 -4.16
CA VAL B 160 -4.16 -14.44 -4.56
C VAL B 160 -4.35 -12.96 -4.89
N VAL B 161 -3.80 -12.06 -4.11
CA VAL B 161 -3.90 -10.64 -4.40
C VAL B 161 -3.25 -10.29 -5.75
N GLY B 162 -2.06 -10.83 -6.02
CA GLY B 162 -1.45 -10.59 -7.31
C GLY B 162 -2.33 -11.06 -8.45
N MET B 163 -2.92 -12.24 -8.32
CA MET B 163 -3.77 -12.77 -9.37
C MET B 163 -5.03 -11.92 -9.54
N THR B 164 -5.57 -11.42 -8.43
CA THR B 164 -6.75 -10.56 -8.45
C THR B 164 -6.49 -9.36 -9.34
N LYS B 165 -5.33 -8.73 -9.12
CA LYS B 165 -5.01 -7.54 -9.84
C LYS B 165 -4.74 -7.82 -11.30
N THR B 166 -3.99 -8.90 -11.61
CA THR B 166 -3.82 -9.30 -13.00
C THR B 166 -5.16 -9.54 -13.72
N ALA B 167 -6.02 -10.25 -13.03
CA ALA B 167 -7.31 -10.61 -13.63
C ALA B 167 -8.18 -9.41 -13.92
N CYS B 168 -8.17 -8.44 -12.99
CA CYS B 168 -8.81 -7.13 -13.28
C CYS B 168 -8.30 -6.53 -14.58
N ARG B 169 -6.97 -6.48 -14.74
CA ARG B 169 -6.45 -5.88 -15.97
C ARG B 169 -6.87 -6.62 -17.22
N GLU B 170 -6.98 -7.94 -17.15
CA GLU B 170 -7.38 -8.71 -18.35
C GLU B 170 -8.89 -8.72 -18.59
N LEU B 171 -9.70 -8.65 -17.55
CA LEU B 171 -11.11 -8.93 -17.67
C LEU B 171 -12.04 -7.71 -17.55
N ALA B 172 -11.51 -6.60 -17.04
CA ALA B 172 -12.36 -5.42 -16.86
C ALA B 172 -13.04 -4.96 -18.14
N LYS B 173 -12.32 -4.98 -19.26
CA LYS B 173 -12.91 -4.53 -20.51
C LYS B 173 -13.98 -5.48 -21.04
N LYS B 174 -14.06 -6.67 -20.48
CA LYS B 174 -15.12 -7.64 -20.82
C LYS B 174 -16.33 -7.55 -19.89
N GLY B 175 -16.38 -6.56 -19.02
CA GLY B 175 -17.48 -6.37 -18.11
C GLY B 175 -17.42 -7.16 -16.84
N VAL B 176 -16.25 -7.68 -16.49
CA VAL B 176 -16.09 -8.45 -15.29
C VAL B 176 -15.32 -7.64 -14.25
N THR B 177 -15.71 -7.71 -12.98
CA THR B 177 -14.84 -7.17 -11.92
C THR B 177 -14.23 -8.27 -11.12
N VAL B 178 -12.99 -8.05 -10.68
CA VAL B 178 -12.25 -9.00 -9.88
C VAL B 178 -11.67 -8.21 -8.73
N ASN B 179 -12.04 -8.61 -7.52
CA ASN B 179 -11.68 -7.87 -6.31
C ASN B 179 -11.35 -8.84 -5.22
N ALA B 180 -10.61 -8.38 -4.19
CA ALA B 180 -10.28 -9.25 -3.06
C ALA B 180 -10.77 -8.62 -1.77
N ILE B 181 -11.15 -9.44 -0.83
CA ILE B 181 -11.45 -9.01 0.53
C ILE B 181 -10.44 -9.66 1.48
N CYS B 182 -9.90 -8.92 2.45
CA CYS B 182 -9.04 -9.45 3.55
C CYS B 182 -9.82 -9.35 4.85
N PRO B 183 -10.42 -10.46 5.31
CA PRO B 183 -11.03 -10.41 6.63
C PRO B 183 -9.95 -10.12 7.69
N GLY B 184 -10.40 -9.48 8.77
CA GLY B 184 -9.61 -9.29 9.98
C GLY B 184 -9.77 -10.49 10.88
N PHE B 185 -10.01 -10.23 12.15
CA PHE B 185 -10.29 -11.29 13.11
C PHE B 185 -11.80 -11.49 13.15
N ILE B 186 -12.26 -12.63 12.63
CA ILE B 186 -13.69 -12.94 12.53
C ILE B 186 -13.99 -14.15 13.40
N ASP B 187 -14.95 -14.00 14.31
CA ASP B 187 -15.34 -15.10 15.22
C ASP B 187 -16.37 -15.96 14.49
N THR B 188 -16.09 -17.25 14.23
CA THR B 188 -17.04 -18.11 13.56
C THR B 188 -17.10 -19.47 14.20
N ASP B 189 -17.92 -20.35 13.67
CA ASP B 189 -17.92 -21.76 14.11
C ASP B 189 -16.60 -22.45 13.94
N MET B 190 -15.69 -21.95 13.10
CA MET B 190 -14.34 -22.52 12.92
CA MET B 190 -14.34 -22.52 12.92
C MET B 190 -13.30 -21.91 13.86
N THR B 191 -13.64 -20.97 14.75
CA THR B 191 -12.64 -20.37 15.66
C THR B 191 -13.04 -20.62 17.12
N ARG B 192 -13.81 -21.68 17.38
CA ARG B 192 -14.28 -21.93 18.74
C ARG B 192 -13.16 -22.46 19.63
N GLY B 193 -12.04 -22.83 19.06
CA GLY B 193 -10.91 -23.34 19.86
C GLY B 193 -9.82 -22.35 20.11
N VAL B 194 -10.09 -21.05 19.93
CA VAL B 194 -8.97 -20.07 20.14
C VAL B 194 -8.87 -19.84 21.64
N PRO B 195 -7.68 -19.98 22.28
CA PRO B 195 -7.62 -19.77 23.71
C PRO B 195 -7.96 -18.33 24.13
N GLU B 196 -8.52 -18.18 25.31
CA GLU B 196 -8.89 -16.88 25.85
C GLU B 196 -7.75 -15.85 25.77
N ASN B 197 -6.53 -16.22 26.19
CA ASN B 197 -5.38 -15.28 26.20
C ASN B 197 -5.07 -14.78 24.77
N VAL B 198 -5.20 -15.66 23.79
CA VAL B 198 -4.96 -15.32 22.41
C VAL B 198 -6.09 -14.37 21.87
N TRP B 199 -7.35 -14.62 22.23
CA TRP B 199 -8.44 -13.71 21.89
C TRP B 199 -8.20 -12.34 22.44
N GLN B 200 -7.73 -12.21 23.68
CA GLN B 200 -7.47 -10.91 24.30
C GLN B 200 -6.44 -10.13 23.51
N ILE B 201 -5.39 -10.79 23.08
CA ILE B 201 -4.34 -10.15 22.31
C ILE B 201 -4.94 -9.68 20.96
N MET B 202 -5.67 -10.57 20.29
CA MET B 202 -6.31 -10.21 19.04
C MET B 202 -7.25 -8.97 19.18
N ILE B 203 -8.12 -9.00 20.16
CA ILE B 203 -9.08 -7.92 20.37
C ILE B 203 -8.33 -6.60 20.65
N SER B 204 -7.19 -6.66 21.32
CA SER B 204 -6.41 -5.44 21.59
C SER B 204 -5.89 -4.79 20.34
N LYS B 205 -5.82 -5.50 19.21
CA LYS B 205 -5.33 -4.97 17.94
C LYS B 205 -6.47 -4.39 17.06
N ILE B 206 -7.70 -4.50 17.53
CA ILE B 206 -8.89 -4.10 16.74
C ILE B 206 -9.46 -2.79 17.29
N PRO B 207 -9.34 -1.69 16.52
CA PRO B 207 -9.94 -0.44 17.02
C PRO B 207 -11.43 -0.54 17.37
N ALA B 208 -12.19 -1.29 16.59
CA ALA B 208 -13.61 -1.49 16.89
C ALA B 208 -13.87 -2.16 18.23
N GLY B 209 -12.90 -2.93 18.72
CA GLY B 209 -12.97 -3.53 20.05
C GLY B 209 -13.76 -4.85 20.13
N TYR B 210 -14.09 -5.44 18.99
CA TYR B 210 -14.78 -6.73 18.92
C TYR B 210 -14.39 -7.43 17.66
N ALA B 211 -14.48 -8.76 17.68
CA ALA B 211 -14.25 -9.59 16.54
C ALA B 211 -15.50 -9.59 15.66
N GLY B 212 -15.30 -9.55 14.37
CA GLY B 212 -16.40 -9.54 13.40
C GLY B 212 -17.10 -10.90 13.28
N GLU B 213 -18.16 -10.95 12.48
CA GLU B 213 -18.91 -12.19 12.20
C GLU B 213 -18.75 -12.52 10.71
N ALA B 214 -19.01 -13.78 10.36
CA ALA B 214 -18.92 -14.18 8.98
C ALA B 214 -19.81 -13.32 8.08
N LYS B 215 -20.97 -12.96 8.56
CA LYS B 215 -21.87 -12.10 7.74
C LYS B 215 -21.29 -10.72 7.45
N ASP B 216 -20.34 -10.23 8.26
CA ASP B 216 -19.68 -8.95 7.89
C ASP B 216 -18.92 -9.09 6.59
N VAL B 217 -18.20 -10.19 6.42
CA VAL B 217 -17.53 -10.48 5.21
C VAL B 217 -18.57 -10.60 4.07
N GLY B 218 -19.64 -11.33 4.36
CA GLY B 218 -20.68 -11.55 3.38
C GLY B 218 -21.32 -10.26 2.85
N GLU B 219 -21.54 -9.29 3.72
CA GLU B 219 -22.10 -8.01 3.24
C GLU B 219 -21.21 -7.35 2.22
N CYS B 220 -19.88 -7.36 2.45
CA CYS B 220 -18.98 -6.78 1.49
C CYS B 220 -18.96 -7.56 0.17
N VAL B 221 -18.99 -8.89 0.27
CA VAL B 221 -19.07 -9.72 -0.95
C VAL B 221 -20.32 -9.33 -1.76
N ALA B 222 -21.45 -9.24 -1.09
CA ALA B 222 -22.73 -9.00 -1.74
C ALA B 222 -22.72 -7.62 -2.43
N PHE B 223 -22.14 -6.62 -1.79
CA PHE B 223 -21.97 -5.31 -2.45
C PHE B 223 -21.11 -5.44 -3.68
N LEU B 224 -19.93 -6.05 -3.56
CA LEU B 224 -19.06 -6.16 -4.73
C LEU B 224 -19.72 -6.93 -5.88
N ALA B 225 -20.56 -7.91 -5.52
CA ALA B 225 -21.28 -8.71 -6.54
C ALA B 225 -22.38 -7.98 -7.23
N SER B 226 -22.83 -6.88 -6.64
CA SER B 226 -23.98 -6.14 -7.15
C SER B 226 -23.66 -5.26 -8.36
N ASP B 227 -24.71 -4.87 -9.07
CA ASP B 227 -24.52 -3.99 -10.25
C ASP B 227 -23.95 -2.64 -9.85
N GLY B 228 -24.27 -2.18 -8.65
CA GLY B 228 -23.76 -0.93 -8.11
C GLY B 228 -22.27 -0.82 -7.96
N ALA B 229 -21.57 -1.95 -7.88
CA ALA B 229 -20.15 -2.01 -7.74
C ALA B 229 -19.43 -2.28 -9.07
N ARG B 230 -20.08 -1.97 -10.18
CA ARG B 230 -19.50 -2.25 -11.49
C ARG B 230 -18.14 -1.55 -11.76
N TYR B 231 -17.91 -0.44 -11.05
CA TYR B 231 -16.69 0.37 -11.29
C TYR B 231 -15.64 0.16 -10.22
N ILE B 232 -15.81 -0.83 -9.32
CA ILE B 232 -14.78 -1.18 -8.38
C ILE B 232 -14.08 -2.42 -8.93
N ASN B 233 -12.78 -2.34 -9.21
CA ASN B 233 -12.09 -3.42 -9.87
C ASN B 233 -10.64 -3.43 -9.45
N GLY B 234 -10.12 -4.61 -9.11
CA GLY B 234 -8.73 -4.76 -8.70
C GLY B 234 -8.44 -4.35 -7.27
N GLU B 235 -9.48 -4.15 -6.47
CA GLU B 235 -9.32 -3.64 -5.11
C GLU B 235 -9.08 -4.75 -4.10
N VAL B 236 -8.44 -4.37 -2.98
CA VAL B 236 -8.21 -5.24 -1.86
C VAL B 236 -8.84 -4.56 -0.67
N ILE B 237 -9.96 -5.04 -0.18
CA ILE B 237 -10.73 -4.34 0.86
C ILE B 237 -10.63 -5.13 2.17
N ASN B 238 -10.13 -4.48 3.21
CA ASN B 238 -10.08 -5.11 4.55
C ASN B 238 -11.44 -5.00 5.22
N VAL B 239 -11.91 -6.11 5.76
CA VAL B 239 -13.12 -6.16 6.55
C VAL B 239 -12.69 -6.62 7.96
N GLY B 240 -12.23 -5.66 8.76
CA GLY B 240 -11.51 -5.94 9.98
C GLY B 240 -11.65 -4.97 11.12
N GLY B 241 -12.58 -4.02 11.09
CA GLY B 241 -12.75 -3.13 12.20
C GLY B 241 -11.54 -2.24 12.52
N GLY B 242 -10.75 -2.00 11.48
CA GLY B 242 -9.54 -1.20 11.63
C GLY B 242 -8.29 -1.99 11.97
N MET B 243 -8.38 -3.29 12.14
CA MET B 243 -7.26 -4.06 12.66
C MET B 243 -6.05 -4.08 11.69
N VAL B 244 -4.87 -3.83 12.23
CA VAL B 244 -3.62 -3.95 11.47
C VAL B 244 -2.82 -5.13 12.10
N LEU B 245 -2.53 -6.12 11.27
CA LEU B 245 -1.96 -7.38 11.77
C LEU B 245 -0.47 -7.19 11.95
N SER C 1 33.56 4.49 2.26
CA SER C 1 34.07 5.86 2.62
C SER C 1 33.61 6.89 1.58
N MET C 2 33.24 8.07 2.05
CA MET C 2 33.16 9.25 1.23
C MET C 2 32.19 9.15 0.03
N ALA C 3 31.02 8.52 0.26
CA ALA C 3 30.00 8.44 -0.78
C ALA C 3 29.48 9.82 -1.21
N LEU C 4 29.58 10.84 -0.35
CA LEU C 4 28.99 12.14 -0.62
C LEU C 4 30.07 13.23 -0.65
N ALA C 5 31.31 12.83 -0.93
CA ALA C 5 32.37 13.79 -1.02
C ALA C 5 32.05 14.86 -2.10
N SER C 6 32.33 16.08 -1.77
CA SER C 6 32.08 17.28 -2.57
C SER C 6 30.64 17.75 -2.58
N LYS C 7 29.74 17.05 -1.93
CA LYS C 7 28.34 17.47 -1.95
C LYS C 7 28.01 18.35 -0.76
N THR C 8 27.02 19.22 -0.97
CA THR C 8 26.50 20.08 0.08
C THR C 8 25.05 19.71 0.40
N ALA C 9 24.72 19.58 1.70
CA ALA C 9 23.39 19.22 2.13
C ALA C 9 22.81 20.22 3.10
N ILE C 10 21.52 20.50 2.97
CA ILE C 10 20.74 21.16 4.01
C ILE C 10 19.93 20.08 4.72
N VAL C 11 20.00 20.02 6.02
CA VAL C 11 19.11 19.19 6.86
C VAL C 11 18.29 20.14 7.73
N THR C 12 17.00 20.19 7.50
CA THR C 12 16.13 20.97 8.38
C THR C 12 15.80 20.19 9.66
N GLY C 13 15.60 20.90 10.76
CA GLY C 13 15.31 20.20 12.02
C GLY C 13 16.44 19.36 12.53
N ALA C 14 17.69 19.78 12.28
CA ALA C 14 18.82 18.96 12.60
C ALA C 14 19.59 19.31 13.86
N ALA C 15 19.02 20.16 14.72
CA ALA C 15 19.70 20.50 15.95
C ALA C 15 19.77 19.32 16.90
N ARG C 16 18.76 18.44 16.86
CA ARG C 16 18.62 17.35 17.84
C ARG C 16 18.01 16.14 17.17
N GLY C 17 18.00 15.03 17.91
CA GLY C 17 17.17 13.92 17.50
C GLY C 17 17.51 13.28 16.17
N ILE C 18 16.48 12.83 15.49
CA ILE C 18 16.67 12.16 14.19
C ILE C 18 17.43 13.04 13.20
N GLY C 19 17.11 14.33 13.17
CA GLY C 19 17.79 15.20 12.22
C GLY C 19 19.28 15.34 12.46
N PHE C 20 19.68 15.38 13.73
CA PHE C 20 21.10 15.48 14.04
C PHE C 20 21.80 14.16 13.65
N GLY C 21 21.17 13.01 13.87
CA GLY C 21 21.78 11.75 13.41
C GLY C 21 21.91 11.69 11.91
N ILE C 22 20.96 12.24 11.19
CA ILE C 22 21.09 12.36 9.74
C ILE C 22 22.31 13.20 9.38
N ALA C 23 22.40 14.39 10.02
CA ALA C 23 23.53 15.24 9.76
C ALA C 23 24.86 14.56 10.05
N GLN C 24 24.95 13.78 11.15
CA GLN C 24 26.16 13.08 11.46
C GLN C 24 26.59 12.11 10.34
N VAL C 25 25.64 11.33 9.85
CA VAL C 25 25.98 10.35 8.83
C VAL C 25 26.35 11.06 7.50
N LEU C 26 25.63 12.10 7.12
CA LEU C 26 25.99 12.80 5.90
C LEU C 26 27.42 13.38 5.97
N ALA C 27 27.74 13.95 7.13
CA ALA C 27 29.08 14.46 7.37
C ALA C 27 30.14 13.36 7.36
N ARG C 28 29.81 12.19 7.92
CA ARG C 28 30.72 11.06 7.93
C ARG C 28 31.06 10.65 6.48
N GLU C 29 30.08 10.75 5.60
CA GLU C 29 30.24 10.40 4.18
C GLU C 29 30.79 11.54 3.32
N GLY C 30 31.17 12.63 3.95
CA GLY C 30 31.88 13.72 3.28
C GLY C 30 31.11 14.91 2.82
N ALA C 31 29.80 14.99 3.15
CA ALA C 31 29.01 16.14 2.77
C ALA C 31 29.36 17.31 3.67
N ARG C 32 29.28 18.51 3.11
CA ARG C 32 29.24 19.73 3.91
C ARG C 32 27.80 19.96 4.35
N VAL C 33 27.54 20.19 5.62
CA VAL C 33 26.18 20.17 6.13
C VAL C 33 25.75 21.51 6.70
N ILE C 34 24.60 21.98 6.23
CA ILE C 34 23.90 23.11 6.84
C ILE C 34 22.84 22.54 7.78
N ILE C 35 22.98 22.86 9.07
CA ILE C 35 21.91 22.58 10.03
C ILE C 35 20.95 23.76 10.01
N ALA C 36 19.74 23.57 9.56
CA ALA C 36 18.74 24.59 9.50
C ALA C 36 17.70 24.31 10.57
N ASP C 37 17.51 25.20 11.54
CA ASP C 37 16.60 24.90 12.63
C ASP C 37 16.20 26.22 13.28
N ARG C 38 15.09 26.18 14.00
CA ARG C 38 14.71 27.29 14.89
C ARG C 38 15.40 27.18 16.24
N ASP C 39 15.68 25.95 16.66
CA ASP C 39 16.32 25.66 17.90
C ASP C 39 17.75 26.19 17.92
N ALA C 40 18.06 27.08 18.86
CA ALA C 40 19.39 27.68 19.00
C ALA C 40 20.48 26.64 19.30
N HIS C 41 20.09 25.44 19.77
CA HIS C 41 21.02 24.37 20.01
C HIS C 41 21.64 23.94 18.67
N GLY C 42 21.09 24.42 17.57
CA GLY C 42 21.65 24.13 16.26
C GLY C 42 23.09 24.55 16.16
N GLU C 43 23.47 25.61 16.83
CA GLU C 43 24.87 26.06 16.80
C GLU C 43 25.78 25.01 17.44
N ALA C 44 25.39 24.49 18.59
CA ALA C 44 26.15 23.43 19.28
C ALA C 44 26.22 22.16 18.42
N ALA C 45 25.12 21.84 17.71
CA ALA C 45 25.07 20.73 16.77
C ALA C 45 26.13 20.92 15.66
N ALA C 46 26.12 22.10 15.05
CA ALA C 46 27.10 22.37 13.98
C ALA C 46 28.53 22.35 14.53
N ALA C 47 28.74 22.90 15.73
CA ALA C 47 30.05 22.87 16.37
C ALA C 47 30.51 21.45 16.64
N SER C 48 29.59 20.57 17.04
CA SER C 48 29.95 19.16 17.29
C SER C 48 30.42 18.51 16.01
N LEU C 49 29.74 18.78 14.91
CA LEU C 49 30.18 18.24 13.64
C LEU C 49 31.56 18.76 13.24
N ARG C 50 31.77 20.05 13.44
CA ARG C 50 33.09 20.66 13.12
C ARG C 50 34.20 20.07 13.95
N GLU C 51 33.92 19.85 15.23
CA GLU C 51 34.90 19.23 16.17
C GLU C 51 35.30 17.84 15.72
N SER C 52 34.41 17.12 15.07
CA SER C 52 34.66 15.82 14.50
C SER C 52 35.42 15.84 13.15
N GLY C 53 35.67 17.03 12.57
CA GLY C 53 36.36 17.14 11.32
C GLY C 53 35.58 17.50 10.09
N ALA C 54 34.29 17.71 10.26
CA ALA C 54 33.41 17.98 9.13
C ALA C 54 33.27 19.48 8.91
N GLN C 55 32.77 19.84 7.73
CA GLN C 55 32.33 21.17 7.43
C GLN C 55 30.84 21.28 7.73
N ALA C 56 30.50 22.18 8.66
CA ALA C 56 29.11 22.38 9.02
C ALA C 56 28.88 23.77 9.51
N LEU C 57 27.65 24.23 9.24
CA LEU C 57 27.22 25.58 9.63
C LEU C 57 25.78 25.53 10.09
N PHE C 58 25.48 26.31 11.12
CA PHE C 58 24.07 26.48 11.59
C PHE C 58 23.50 27.74 10.95
N ILE C 59 22.30 27.61 10.39
CA ILE C 59 21.50 28.73 9.94
C ILE C 59 20.15 28.66 10.61
N SER C 60 19.86 29.69 11.41
CA SER C 60 18.53 29.80 12.10
C SER C 60 17.45 30.07 11.03
N CYS C 61 16.39 29.30 11.03
CA CYS C 61 15.35 29.41 9.96
C CYS C 61 14.03 28.84 10.56
N ASN C 62 12.95 29.60 10.34
CA ASN C 62 11.60 29.08 10.52
C ASN C 62 11.04 28.76 9.13
N ILE C 63 10.98 27.46 8.81
CA ILE C 63 10.63 27.02 7.47
C ILE C 63 9.18 27.29 7.09
N ALA C 64 8.33 27.72 8.03
CA ALA C 64 6.99 28.11 7.69
C ALA C 64 6.89 29.42 6.95
N GLU C 65 7.96 30.23 6.98
CA GLU C 65 7.96 31.52 6.30
CA GLU C 65 7.96 31.51 6.29
C GLU C 65 8.78 31.43 5.02
N LYS C 66 8.13 31.68 3.88
CA LYS C 66 8.80 31.60 2.60
C LYS C 66 10.09 32.46 2.50
N THR C 67 10.03 33.68 3.01
CA THR C 67 11.20 34.57 2.93
C THR C 67 12.37 33.97 3.68
N GLN C 68 12.12 33.32 4.83
CA GLN C 68 13.20 32.69 5.58
C GLN C 68 13.78 31.48 4.83
N VAL C 69 12.93 30.70 4.16
CA VAL C 69 13.41 29.57 3.36
C VAL C 69 14.24 30.09 2.18
N GLU C 70 13.79 31.15 1.54
CA GLU C 70 14.57 31.75 0.45
C GLU C 70 15.96 32.20 0.96
N ALA C 71 15.98 32.84 2.12
CA ALA C 71 17.22 33.27 2.71
C ALA C 71 18.11 32.11 3.12
N LEU C 72 17.53 31.06 3.66
CA LEU C 72 18.26 29.85 4.00
C LEU C 72 19.04 29.34 2.79
N PHE C 73 18.34 29.17 1.68
CA PHE C 73 19.00 28.63 0.49
C PHE C 73 20.05 29.59 -0.05
N SER C 74 19.78 30.91 -0.07
CA SER C 74 20.76 31.84 -0.56
C SER C 74 22.01 31.84 0.32
N GLN C 75 21.83 31.86 1.64
CA GLN C 75 22.97 31.84 2.55
C GLN C 75 23.76 30.51 2.47
N ALA C 76 23.04 29.41 2.37
CA ALA C 76 23.67 28.09 2.28
C ALA C 76 24.58 28.04 1.06
N GLU C 77 24.11 28.56 -0.05
CA GLU C 77 24.86 28.51 -1.31
C GLU C 77 26.00 29.48 -1.32
N GLU C 78 25.84 30.63 -0.68
CA GLU C 78 26.98 31.57 -0.53
C GLU C 78 28.11 30.93 0.27
N ALA C 79 27.79 30.17 1.30
CA ALA C 79 28.78 29.56 2.17
C ALA C 79 29.43 28.30 1.56
N PHE C 80 28.62 27.41 1.02
CA PHE C 80 29.05 26.07 0.66
C PHE C 80 28.82 25.69 -0.79
N GLY C 81 28.37 26.63 -1.63
CA GLY C 81 28.07 26.30 -3.01
C GLY C 81 26.72 25.65 -3.22
N PRO C 82 26.43 25.20 -4.45
CA PRO C 82 25.11 24.66 -4.78
C PRO C 82 24.67 23.56 -3.83
N VAL C 83 23.42 23.60 -3.44
CA VAL C 83 22.85 22.60 -2.54
C VAL C 83 22.50 21.39 -3.39
N ASP C 84 23.17 20.30 -3.14
CA ASP C 84 22.96 19.07 -3.86
C ASP C 84 21.85 18.21 -3.24
N ILE C 85 21.72 18.29 -1.91
CA ILE C 85 20.88 17.41 -1.15
C ILE C 85 20.05 18.27 -0.17
N LEU C 86 18.73 18.10 -0.19
CA LEU C 86 17.84 18.67 0.81
C LEU C 86 17.20 17.55 1.58
N VAL C 87 17.34 17.56 2.91
CA VAL C 87 16.65 16.64 3.79
C VAL C 87 15.64 17.45 4.61
N ASN C 88 14.35 17.19 4.36
CA ASN C 88 13.26 17.87 5.10
C ASN C 88 12.90 17.03 6.31
N ASN C 89 13.51 17.34 7.43
CA ASN C 89 13.25 16.62 8.71
C ASN C 89 12.48 17.44 9.72
N ALA C 90 12.43 18.74 9.57
CA ALA C 90 11.77 19.63 10.51
C ALA C 90 10.32 19.26 10.65
N GLY C 91 9.87 19.20 11.90
CA GLY C 91 8.46 18.88 12.19
C GLY C 91 8.19 19.13 13.65
N ILE C 92 6.97 19.45 13.97
CA ILE C 92 6.54 19.65 15.35
C ILE C 92 5.28 18.81 15.60
N ASN C 93 5.01 18.60 16.89
CA ASN C 93 3.78 17.94 17.31
C ASN C 93 2.98 18.88 18.20
N ARG C 94 1.67 18.89 17.98
CA ARG C 94 0.73 19.51 18.92
CA ARG C 94 0.73 19.51 18.92
C ARG C 94 -0.44 18.51 18.97
N ASP C 95 -0.21 17.41 19.68
CA ASP C 95 -1.17 16.29 19.62
C ASP C 95 -2.43 16.60 20.43
N ALA C 96 -3.52 16.00 19.98
CA ALA C 96 -4.82 16.11 20.62
C ALA C 96 -5.78 15.18 19.88
N MET C 97 -6.74 14.66 20.63
CA MET C 97 -7.81 13.83 20.01
C MET C 97 -8.62 14.71 19.03
N LEU C 98 -9.20 14.05 18.02
CA LEU C 98 -9.92 14.75 16.95
C LEU C 98 -10.98 15.70 17.48
N HIS C 99 -11.72 15.28 18.49
CA HIS C 99 -12.83 16.05 19.06
C HIS C 99 -12.38 17.24 19.93
N LYS C 100 -11.08 17.32 20.23
CA LYS C 100 -10.50 18.32 21.11
C LYS C 100 -9.47 19.23 20.46
N LEU C 101 -9.00 18.91 19.25
CA LEU C 101 -7.89 19.62 18.64
C LEU C 101 -8.30 21.08 18.34
N THR C 102 -7.57 22.05 18.90
CA THR C 102 -7.90 23.43 18.67
C THR C 102 -7.49 23.81 17.24
N GLU C 103 -8.17 24.85 16.76
CA GLU C 103 -7.81 25.39 15.48
C GLU C 103 -6.34 25.85 15.40
N ALA C 104 -5.87 26.47 16.48
CA ALA C 104 -4.48 26.96 16.47
C ALA C 104 -3.51 25.81 16.39
N ASP C 105 -3.78 24.71 17.10
CA ASP C 105 -2.90 23.58 17.09
C ASP C 105 -2.89 22.82 15.74
N TRP C 106 -4.06 22.79 15.08
CA TRP C 106 -4.18 22.32 13.72
C TRP C 106 -3.30 23.20 12.82
N ASP C 107 -3.56 24.51 12.88
CA ASP C 107 -2.93 25.42 11.95
C ASP C 107 -1.42 25.37 12.05
N THR C 108 -0.89 25.37 13.28
CA THR C 108 0.54 25.45 13.49
C THR C 108 1.24 24.22 12.96
N VAL C 109 0.70 23.03 13.22
CA VAL C 109 1.33 21.80 12.74
C VAL C 109 1.31 21.70 11.20
N ILE C 110 0.19 22.07 10.56
CA ILE C 110 0.17 22.06 9.12
C ILE C 110 1.16 23.08 8.55
N ASP C 111 1.22 24.25 9.16
CA ASP C 111 2.07 25.34 8.64
C ASP C 111 3.56 24.92 8.65
N VAL C 112 4.03 24.35 9.75
CA VAL C 112 5.41 23.90 9.81
C VAL C 112 5.66 22.65 9.00
N ASN C 113 4.88 21.59 9.28
CA ASN C 113 5.21 20.28 8.80
C ASN C 113 4.93 20.10 7.35
N LEU C 114 3.82 20.67 6.91
CA LEU C 114 3.39 20.45 5.52
C LEU C 114 3.77 21.63 4.64
N LYS C 115 3.29 22.83 4.99
CA LYS C 115 3.65 24.03 4.19
C LYS C 115 5.17 24.24 4.20
N GLY C 116 5.80 24.12 5.36
CA GLY C 116 7.24 24.35 5.44
C GLY C 116 8.02 23.39 4.57
N THR C 117 7.61 22.13 4.56
CA THR C 117 8.27 21.15 3.69
C THR C 117 8.04 21.50 2.23
N PHE C 118 6.83 21.91 1.87
CA PHE C 118 6.60 22.40 0.49
C PHE C 118 7.53 23.55 0.15
N LEU C 119 7.64 24.56 1.00
CA LEU C 119 8.42 25.72 0.67
C LEU C 119 9.91 25.37 0.44
N CYS C 120 10.43 24.47 1.25
CA CYS C 120 11.81 23.99 1.08
C CYS C 120 11.98 23.17 -0.20
N MET C 121 11.04 22.24 -0.43
CA MET C 121 11.06 21.47 -1.68
C MET C 121 11.03 22.38 -2.89
N GLN C 122 10.25 23.45 -2.80
CA GLN C 122 10.13 24.37 -3.92
C GLN C 122 11.47 25.09 -4.19
N GLN C 123 12.11 25.58 -3.15
CA GLN C 123 13.40 26.23 -3.35
C GLN C 123 14.46 25.27 -3.91
N ALA C 124 14.44 24.02 -3.45
CA ALA C 124 15.35 23.02 -4.01
C ALA C 124 15.04 22.75 -5.48
N ALA C 125 13.74 22.55 -5.77
CA ALA C 125 13.33 22.22 -7.14
C ALA C 125 13.69 23.28 -8.15
N ILE C 126 13.53 24.56 -7.80
CA ILE C 126 13.82 25.64 -8.72
C ILE C 126 15.29 25.53 -9.16
N ARG C 127 16.15 25.25 -8.22
CA ARG C 127 17.58 25.19 -8.46
C ARG C 127 17.98 23.88 -9.16
N MET C 128 17.52 22.78 -8.58
CA MET C 128 17.98 21.46 -9.04
C MET C 128 17.52 21.17 -10.45
N ARG C 129 16.32 21.62 -10.84
CA ARG C 129 15.87 21.35 -12.17
C ARG C 129 16.69 22.08 -13.21
N GLU C 130 17.23 23.24 -12.87
CA GLU C 130 18.09 24.00 -13.79
C GLU C 130 19.48 23.41 -13.89
N ARG C 131 19.96 22.87 -12.80
CA ARG C 131 21.29 22.28 -12.74
C ARG C 131 21.34 20.85 -13.26
N GLY C 132 20.21 20.17 -13.31
CA GLY C 132 20.17 18.81 -13.85
C GLY C 132 20.60 17.72 -12.93
N ALA C 133 20.54 17.97 -11.64
CA ALA C 133 20.91 16.99 -10.63
C ALA C 133 20.36 17.40 -9.30
N GLY C 134 20.08 16.43 -8.45
CA GLY C 134 19.69 16.76 -7.08
C GLY C 134 19.11 15.59 -6.32
N ARG C 135 19.02 15.78 -5.00
CA ARG C 135 18.38 14.81 -4.11
C ARG C 135 17.48 15.57 -3.15
N ILE C 136 16.22 15.14 -3.02
CA ILE C 136 15.31 15.66 -2.01
C ILE C 136 14.87 14.42 -1.22
N ILE C 137 15.08 14.43 0.09
CA ILE C 137 14.72 13.32 0.95
C ILE C 137 13.82 13.89 2.04
N ASN C 138 12.59 13.46 2.06
CA ASN C 138 11.62 13.92 3.05
C ASN C 138 11.48 12.93 4.16
N ILE C 139 11.56 13.40 5.40
CA ILE C 139 11.35 12.49 6.53
C ILE C 139 9.87 12.61 6.88
N ALA C 140 9.12 11.52 6.71
CA ALA C 140 7.71 11.53 7.01
C ALA C 140 7.59 10.95 8.46
N SER C 141 6.82 9.89 8.65
CA SER C 141 6.60 9.36 9.99
C SER C 141 5.82 8.07 9.83
N ALA C 142 6.00 7.15 10.78
CA ALA C 142 5.12 6.01 10.86
C ALA C 142 3.66 6.38 11.05
N SER C 143 3.41 7.57 11.59
CA SER C 143 2.05 8.08 11.76
C SER C 143 1.31 8.48 10.49
N TRP C 144 1.94 8.45 9.33
CA TRP C 144 1.25 8.90 8.11
C TRP C 144 0.04 8.06 7.76
N LEU C 145 -0.02 6.83 8.23
CA LEU C 145 -1.19 5.93 8.05
C LEU C 145 -2.00 5.75 9.31
N GLY C 146 -1.96 6.81 10.14
CA GLY C 146 -2.83 6.92 11.29
C GLY C 146 -2.13 6.71 12.62
N ASN C 147 -2.49 7.49 13.65
CA ASN C 147 -2.06 7.25 15.02
C ASN C 147 -2.95 8.06 15.92
N VAL C 148 -3.43 7.45 17.01
CA VAL C 148 -4.32 8.09 17.95
C VAL C 148 -3.68 9.40 18.45
N GLY C 149 -4.49 10.45 18.49
CA GLY C 149 -4.02 11.77 18.99
C GLY C 149 -3.33 12.62 17.99
N GLN C 150 -3.25 12.18 16.73
CA GLN C 150 -2.39 12.83 15.74
C GLN C 150 -3.13 13.16 14.45
N THR C 151 -4.37 13.63 14.57
CA THR C 151 -5.09 14.10 13.38
C THR C 151 -4.23 15.10 12.56
N ASN C 152 -3.72 16.15 13.24
CA ASN C 152 -2.91 17.13 12.56
C ASN C 152 -1.56 16.58 12.04
N TYR C 153 -0.88 15.83 12.90
CA TYR C 153 0.46 15.33 12.55
C TYR C 153 0.37 14.29 11.45
N SER C 154 -0.59 13.37 11.55
CA SER C 154 -0.78 12.37 10.49
C SER C 154 -1.20 13.03 9.16
N ALA C 155 -2.05 14.03 9.21
CA ALA C 155 -2.41 14.79 8.01
C ALA C 155 -1.14 15.35 7.37
N SER C 156 -0.32 15.98 8.22
CA SER C 156 0.85 16.68 7.69
C SER C 156 1.84 15.69 7.06
N LYS C 157 2.06 14.53 7.71
CA LYS C 157 3.07 13.61 7.21
C LYS C 157 2.59 12.78 6.04
N ALA C 158 1.30 12.43 6.01
CA ALA C 158 0.73 11.85 4.76
C ALA C 158 0.80 12.86 3.64
N GLY C 159 0.54 14.12 3.91
CA GLY C 159 0.63 15.14 2.90
C GLY C 159 2.04 15.22 2.32
N VAL C 160 3.07 15.07 3.18
CA VAL C 160 4.45 15.03 2.73
C VAL C 160 4.69 13.87 1.77
N VAL C 161 4.13 12.70 2.06
CA VAL C 161 4.25 11.57 1.11
C VAL C 161 3.62 11.91 -0.23
N GLY C 162 2.42 12.50 -0.24
CA GLY C 162 1.80 12.89 -1.52
C GLY C 162 2.71 13.82 -2.30
N MET C 163 3.28 14.80 -1.62
CA MET C 163 4.13 15.76 -2.34
C MET C 163 5.40 15.08 -2.86
N THR C 164 5.94 14.15 -2.09
CA THR C 164 7.12 13.40 -2.50
C THR C 164 6.89 12.74 -3.84
N LYS C 165 5.73 12.06 -3.92
CA LYS C 165 5.42 11.34 -5.12
C LYS C 165 5.17 12.27 -6.32
N THR C 166 4.44 13.36 -6.10
CA THR C 166 4.26 14.37 -7.14
C THR C 166 5.61 14.93 -7.65
N ALA C 167 6.47 15.25 -6.70
CA ALA C 167 7.72 15.84 -7.06
C ALA C 167 8.62 14.91 -7.88
N CYS C 168 8.60 13.63 -7.50
CA CYS C 168 9.25 12.58 -8.32
C CYS C 168 8.76 12.65 -9.75
N ARG C 169 7.44 12.68 -9.94
CA ARG C 169 6.93 12.73 -11.30
C ARG C 169 7.34 13.96 -12.08
N GLU C 170 7.47 15.09 -11.43
CA GLU C 170 7.87 16.32 -12.12
C GLU C 170 9.37 16.43 -12.34
N LEU C 171 10.17 15.91 -11.41
CA LEU C 171 11.60 16.23 -11.39
C LEU C 171 12.52 15.09 -11.84
N ALA C 172 11.98 13.87 -11.93
CA ALA C 172 12.87 12.74 -12.28
C ALA C 172 13.56 12.95 -13.63
N LYS C 173 12.86 13.48 -14.62
CA LYS C 173 13.46 13.65 -15.93
C LYS C 173 14.54 14.76 -15.94
N LYS C 174 14.61 15.54 -14.88
CA LYS C 174 15.64 16.56 -14.71
C LYS C 174 16.84 16.05 -13.89
N GLY C 175 16.89 14.76 -13.60
CA GLY C 175 18.00 14.19 -12.84
C GLY C 175 17.91 14.30 -11.37
N VAL C 176 16.73 14.56 -10.84
CA VAL C 176 16.54 14.71 -9.43
C VAL C 176 15.77 13.51 -8.89
N THR C 177 16.13 12.98 -7.74
CA THR C 177 15.26 12.01 -7.07
C THR C 177 14.63 12.61 -5.85
N VAL C 178 13.39 12.19 -5.59
CA VAL C 178 12.61 12.67 -4.45
C VAL C 178 12.06 11.43 -3.80
N ASN C 179 12.42 11.23 -2.55
CA ASN C 179 12.02 10.03 -1.81
C ASN C 179 11.67 10.39 -0.40
N ALA C 180 10.96 9.50 0.29
CA ALA C 180 10.61 9.72 1.70
C ALA C 180 11.09 8.57 2.53
N ILE C 181 11.43 8.87 3.77
CA ILE C 181 11.75 7.84 4.78
C ILE C 181 10.71 7.99 5.90
N CYS C 182 10.17 6.87 6.40
CA CYS C 182 9.32 6.83 7.63
C CYS C 182 10.10 6.13 8.73
N PRO C 183 10.71 6.90 9.67
CA PRO C 183 11.30 6.24 10.81
C PRO C 183 10.23 5.46 11.59
N GLY C 184 10.65 4.40 12.25
CA GLY C 184 9.81 3.66 13.18
C GLY C 184 9.88 4.29 14.54
N PHE C 185 10.08 3.49 15.54
CA PHE C 185 10.26 3.94 16.90
C PHE C 185 11.78 4.02 17.08
N ILE C 186 12.28 5.26 17.15
CA ILE C 186 13.70 5.57 17.29
C ILE C 186 13.98 6.13 18.67
N ASP C 187 15.03 5.62 19.33
CA ASP C 187 15.43 6.00 20.67
C ASP C 187 16.02 7.40 20.58
N THR C 188 15.26 8.36 21.12
CA THR C 188 15.69 9.75 21.20
C THR C 188 15.22 10.27 22.54
N ASP C 189 15.64 11.51 22.84
CA ASP C 189 15.16 12.09 24.09
C ASP C 189 13.63 12.20 24.10
N MET C 190 13.04 12.41 22.95
CA MET C 190 11.57 12.53 22.87
C MET C 190 10.82 11.20 23.09
N THR C 191 11.36 10.14 22.47
CA THR C 191 10.70 8.84 22.73
C THR C 191 10.98 8.31 24.10
N ARG C 192 12.13 8.62 24.73
CA ARG C 192 12.39 8.23 26.09
C ARG C 192 11.49 8.98 27.11
N GLY C 193 10.79 10.02 26.67
CA GLY C 193 9.88 10.75 27.54
C GLY C 193 8.42 10.28 27.57
N VAL C 194 8.11 9.24 26.82
CA VAL C 194 6.78 8.66 26.85
C VAL C 194 6.59 7.87 28.13
N PRO C 195 5.31 7.65 28.49
CA PRO C 195 5.03 6.81 29.66
C PRO C 195 5.60 5.39 29.54
N GLU C 196 5.93 4.81 30.67
CA GLU C 196 6.50 3.47 30.71
C GLU C 196 5.64 2.44 29.91
N ASN C 197 4.30 2.46 30.11
CA ASN C 197 3.42 1.50 29.42
C ASN C 197 3.49 1.64 27.92
N VAL C 198 3.59 2.88 27.44
CA VAL C 198 3.71 3.16 26.01
C VAL C 198 5.06 2.67 25.46
N TRP C 199 6.17 2.87 26.19
CA TRP C 199 7.46 2.37 25.76
C TRP C 199 7.41 0.83 25.55
N GLN C 200 6.84 0.16 26.55
CA GLN C 200 6.78 -1.29 26.49
C GLN C 200 5.94 -1.79 25.36
N ILE C 201 4.81 -1.14 25.15
CA ILE C 201 3.92 -1.47 24.05
C ILE C 201 4.66 -1.29 22.72
N MET C 202 5.32 -0.16 22.55
CA MET C 202 6.06 0.09 21.31
C MET C 202 7.15 -0.95 21.08
N ILE C 203 7.95 -1.30 22.06
CA ILE C 203 8.99 -2.32 21.85
C ILE C 203 8.34 -3.67 21.43
N SER C 204 7.16 -3.98 22.01
CA SER C 204 6.49 -5.23 21.65
C SER C 204 5.99 -5.23 20.21
N LYS C 205 5.90 -4.07 19.54
CA LYS C 205 5.44 -3.95 18.17
C LYS C 205 6.61 -4.04 17.16
N ILE C 206 7.83 -4.10 17.68
CA ILE C 206 9.03 -4.07 16.78
C ILE C 206 9.63 -5.48 16.69
N PRO C 207 9.55 -6.11 15.49
CA PRO C 207 10.16 -7.41 15.36
C PRO C 207 11.65 -7.48 15.77
N ALA C 208 12.42 -6.47 15.43
CA ALA C 208 13.84 -6.42 15.85
C ALA C 208 14.05 -6.40 17.36
N GLY C 209 13.04 -5.95 18.11
CA GLY C 209 13.06 -6.06 19.56
C GLY C 209 13.76 -4.91 20.30
N TYR C 210 14.12 -3.86 19.58
CA TYR C 210 14.77 -2.67 20.16
C TYR C 210 14.40 -1.48 19.32
N ALA C 211 14.43 -0.31 19.96
CA ALA C 211 14.25 0.96 19.33
C ALA C 211 15.52 1.37 18.58
N GLY C 212 15.38 1.85 17.38
CA GLY C 212 16.50 2.17 16.53
C GLY C 212 17.21 3.47 16.95
N GLU C 213 18.26 3.85 16.25
CA GLU C 213 19.02 5.07 16.58
C GLU C 213 18.86 6.07 15.49
N ALA C 214 19.11 7.33 15.79
CA ALA C 214 18.97 8.36 14.79
C ALA C 214 19.87 8.06 13.58
N LYS C 215 21.07 7.55 13.86
CA LYS C 215 21.98 7.20 12.78
C LYS C 215 21.46 6.12 11.83
N ASP C 216 20.52 5.29 12.29
CA ASP C 216 19.92 4.32 11.34
C ASP C 216 19.15 5.03 10.27
N VAL C 217 18.39 6.07 10.62
CA VAL C 217 17.71 6.88 9.65
C VAL C 217 18.76 7.56 8.74
N GLY C 218 19.82 8.08 9.35
CA GLY C 218 20.87 8.71 8.60
C GLY C 218 21.52 7.82 7.53
N GLU C 219 21.73 6.54 7.83
CA GLU C 219 22.30 5.64 6.86
C GLU C 219 21.43 5.53 5.62
N CYS C 220 20.13 5.46 5.78
CA CYS C 220 19.22 5.38 4.65
C CYS C 220 19.23 6.69 3.86
N VAL C 221 19.25 7.82 4.57
CA VAL C 221 19.36 9.11 3.89
C VAL C 221 20.63 9.15 3.04
N ALA C 222 21.73 8.74 3.60
CA ALA C 222 23.04 8.82 2.92
C ALA C 222 23.04 7.93 1.67
N PHE C 223 22.43 6.75 1.76
CA PHE C 223 22.30 5.94 0.54
C PHE C 223 21.45 6.62 -0.50
N LEU C 224 20.28 7.09 -0.13
CA LEU C 224 19.40 7.76 -1.12
C LEU C 224 20.09 8.99 -1.75
N ALA C 225 20.92 9.68 -0.95
CA ALA C 225 21.63 10.85 -1.45
C ALA C 225 22.75 10.55 -2.39
N SER C 226 23.21 9.30 -2.41
CA SER C 226 24.34 8.88 -3.20
C SER C 226 24.03 8.70 -4.69
N ASP C 227 25.07 8.69 -5.49
CA ASP C 227 24.92 8.46 -6.93
C ASP C 227 24.37 7.09 -7.23
N GLY C 228 24.68 6.12 -6.39
CA GLY C 228 24.15 4.75 -6.51
C GLY C 228 22.67 4.59 -6.44
N ALA C 229 21.98 5.54 -5.85
CA ALA C 229 20.53 5.52 -5.72
C ALA C 229 19.83 6.37 -6.77
N ARG C 230 20.48 6.65 -7.89
CA ARG C 230 19.91 7.49 -8.94
C ARG C 230 18.56 6.99 -9.50
N TYR C 231 18.33 5.69 -9.44
CA TYR C 231 17.11 5.10 -10.02
C TYR C 231 16.05 4.77 -9.00
N ILE C 232 16.23 5.22 -7.74
CA ILE C 232 15.20 5.08 -6.74
C ILE C 232 14.49 6.42 -6.65
N ASN C 233 13.19 6.46 -6.95
CA ASN C 233 12.50 7.72 -7.02
C ASN C 233 11.04 7.54 -6.67
N GLY C 234 10.51 8.41 -5.81
CA GLY C 234 9.10 8.35 -5.41
C GLY C 234 8.82 7.32 -4.33
N GLU C 235 9.85 6.78 -3.69
CA GLU C 235 9.67 5.71 -2.72
C GLU C 235 9.40 6.24 -1.32
N VAL C 236 8.78 5.37 -0.51
CA VAL C 236 8.54 5.63 0.90
C VAL C 236 9.17 4.47 1.62
N ILE C 237 10.28 4.67 2.29
CA ILE C 237 11.01 3.56 2.89
C ILE C 237 10.93 3.65 4.41
N ASN C 238 10.44 2.60 5.05
CA ASN C 238 10.39 2.53 6.50
C ASN C 238 11.74 2.11 7.06
N VAL C 239 12.21 2.83 8.07
CA VAL C 239 13.39 2.48 8.85
C VAL C 239 12.93 2.24 10.27
N GLY C 240 12.49 1.02 10.51
CA GLY C 240 11.72 0.67 11.73
C GLY C 240 11.86 -0.68 12.27
N GLY C 241 12.83 -1.49 11.83
CA GLY C 241 13.01 -2.81 12.40
C GLY C 241 11.80 -3.75 12.23
N GLY C 242 11.00 -3.46 11.21
CA GLY C 242 9.80 -4.22 10.93
C GLY C 242 8.53 -3.71 11.62
N MET C 243 8.63 -2.62 12.36
CA MET C 243 7.49 -2.17 13.18
CA MET C 243 7.49 -2.16 13.17
C MET C 243 6.31 -1.72 12.31
N VAL C 244 5.12 -2.19 12.68
CA VAL C 244 3.86 -1.68 12.05
C VAL C 244 3.06 -0.96 13.13
N LEU C 245 2.79 0.32 12.88
CA LEU C 245 2.20 1.17 13.91
C LEU C 245 0.69 0.89 13.90
N SER D 1 -33.55 -1.94 -1.42
CA SER D 1 -34.36 -0.72 -1.15
C SER D 1 -34.07 -0.18 0.26
N MET D 2 -33.97 1.13 0.38
CA MET D 2 -34.08 1.82 1.65
C MET D 2 -33.04 1.40 2.71
N ALA D 3 -31.80 1.19 2.29
CA ALA D 3 -30.73 0.85 3.20
C ALA D 3 -30.46 1.96 4.24
N LEU D 4 -30.80 3.22 3.91
CA LEU D 4 -30.48 4.36 4.77
C LEU D 4 -31.74 5.06 5.25
N ALA D 5 -32.85 4.34 5.27
CA ALA D 5 -34.10 4.90 5.74
C ALA D 5 -33.92 5.41 7.19
N SER D 6 -34.47 6.56 7.46
CA SER D 6 -34.40 7.27 8.74
C SER D 6 -33.09 7.98 9.01
N LYS D 7 -32.10 7.86 8.15
CA LYS D 7 -30.82 8.48 8.42
C LYS D 7 -30.74 9.87 7.80
N THR D 8 -29.93 10.72 8.41
CA THR D 8 -29.64 12.04 7.88
C THR D 8 -28.19 12.18 7.48
N ALA D 9 -27.92 12.73 6.30
CA ALA D 9 -26.57 12.88 5.76
C ALA D 9 -26.26 14.32 5.40
N ILE D 10 -25.05 14.78 5.71
CA ILE D 10 -24.49 15.98 5.12
C ILE D 10 -23.51 15.57 4.04
N VAL D 11 -23.65 16.11 2.83
CA VAL D 11 -22.65 15.92 1.76
C VAL D 11 -22.10 17.32 1.45
N THR D 12 -20.81 17.51 1.69
CA THR D 12 -20.19 18.79 1.33
C THR D 12 -19.79 18.79 -0.16
N GLY D 13 -19.79 19.97 -0.77
CA GLY D 13 -19.46 20.08 -2.19
C GLY D 13 -20.46 19.37 -3.09
N ALA D 14 -21.73 19.32 -2.71
CA ALA D 14 -22.70 18.49 -3.39
C ALA D 14 -23.63 19.23 -4.36
N ALA D 15 -23.33 20.48 -4.71
CA ALA D 15 -24.14 21.19 -5.64
C ALA D 15 -24.04 20.58 -7.07
N ARG D 16 -22.87 20.04 -7.39
CA ARG D 16 -22.59 19.53 -8.74
C ARG D 16 -21.69 18.32 -8.68
N GLY D 17 -21.45 17.70 -9.82
CA GLY D 17 -20.37 16.74 -9.91
C GLY D 17 -20.53 15.49 -9.08
N ILE D 18 -19.38 14.98 -8.64
CA ILE D 18 -19.36 13.76 -7.83
C ILE D 18 -20.24 13.91 -6.60
N GLY D 19 -20.20 15.07 -5.94
CA GLY D 19 -20.98 15.25 -4.73
C GLY D 19 -22.47 15.17 -4.94
N PHE D 20 -22.95 15.73 -6.05
CA PHE D 20 -24.37 15.64 -6.33
C PHE D 20 -24.78 14.18 -6.60
N GLY D 21 -23.94 13.42 -7.33
CA GLY D 21 -24.26 12.01 -7.56
C GLY D 21 -24.28 11.22 -6.26
N ILE D 22 -23.40 11.55 -5.33
CA ILE D 22 -23.45 10.95 -4.00
C ILE D 22 -24.79 11.25 -3.32
N ALA D 23 -25.15 12.54 -3.32
CA ALA D 23 -26.43 12.91 -2.74
C ALA D 23 -27.61 12.19 -3.38
N GLN D 24 -27.61 12.02 -4.70
CA GLN D 24 -28.69 11.30 -5.36
C GLN D 24 -28.80 9.84 -4.84
N VAL D 25 -27.69 9.16 -4.75
CA VAL D 25 -27.74 7.78 -4.31
C VAL D 25 -28.16 7.69 -2.83
N LEU D 26 -27.66 8.56 -1.97
CA LEU D 26 -28.08 8.51 -0.57
C LEU D 26 -29.60 8.74 -0.44
N ALA D 27 -30.10 9.71 -1.21
CA ALA D 27 -31.55 9.98 -1.26
C ALA D 27 -32.33 8.78 -1.78
N ARG D 28 -31.79 8.11 -2.80
CA ARG D 28 -32.46 6.94 -3.37
C ARG D 28 -32.64 5.87 -2.28
N GLU D 29 -31.64 5.73 -1.42
CA GLU D 29 -31.65 4.76 -0.33
C GLU D 29 -32.36 5.24 0.94
N GLY D 30 -33.00 6.40 0.86
CA GLY D 30 -33.88 6.89 1.93
C GLY D 30 -33.32 7.89 2.92
N ALA D 31 -32.10 8.37 2.70
CA ALA D 31 -31.52 9.36 3.58
C ALA D 31 -32.13 10.71 3.32
N ARG D 32 -32.25 11.51 4.37
CA ARG D 32 -32.55 12.95 4.22
C ARG D 32 -31.17 13.64 4.00
N VAL D 33 -31.06 14.49 3.01
CA VAL D 33 -29.77 14.98 2.60
C VAL D 33 -29.64 16.50 2.75
N ILE D 34 -28.59 16.93 3.43
CA ILE D 34 -28.15 18.33 3.44
C ILE D 34 -27.05 18.49 2.38
N ILE D 35 -27.31 19.33 1.39
CA ILE D 35 -26.28 19.76 0.44
C ILE D 35 -25.59 20.96 1.07
N ALA D 36 -24.31 20.84 1.41
CA ALA D 36 -23.55 21.91 1.97
C ALA D 36 -22.56 22.39 0.91
N ASP D 37 -22.63 23.65 0.49
CA ASP D 37 -21.74 24.09 -0.57
C ASP D 37 -21.67 25.63 -0.50
N ARG D 38 -20.65 26.18 -1.13
CA ARG D 38 -20.62 27.65 -1.39
C ARG D 38 -21.32 28.01 -2.65
N ASP D 39 -21.35 27.09 -3.59
CA ASP D 39 -22.02 27.28 -4.88
C ASP D 39 -23.52 27.44 -4.69
N ALA D 40 -24.07 28.56 -5.12
CA ALA D 40 -25.50 28.87 -5.02
C ALA D 40 -26.38 27.89 -5.81
N HIS D 41 -25.77 27.16 -6.77
CA HIS D 41 -26.49 26.14 -7.50
C HIS D 41 -26.92 25.03 -6.55
N GLY D 42 -26.40 25.05 -5.33
CA GLY D 42 -26.80 24.08 -4.32
C GLY D 42 -28.29 24.10 -4.08
N GLU D 43 -28.93 25.25 -4.19
CA GLU D 43 -30.37 25.31 -3.99
C GLU D 43 -31.11 24.51 -5.10
N ALA D 44 -30.69 24.69 -6.35
CA ALA D 44 -31.25 23.94 -7.48
C ALA D 44 -31.02 22.42 -7.31
N ALA D 45 -29.85 22.06 -6.79
CA ALA D 45 -29.49 20.66 -6.47
C ALA D 45 -30.49 20.10 -5.44
N ALA D 46 -30.68 20.84 -4.35
CA ALA D 46 -31.62 20.37 -3.31
C ALA D 46 -33.05 20.29 -3.86
N ALA D 47 -33.45 21.27 -4.66
CA ALA D 47 -34.77 21.29 -5.30
C ALA D 47 -34.95 20.07 -6.22
N SER D 48 -33.90 19.70 -6.95
CA SER D 48 -33.98 18.53 -7.83
C SER D 48 -34.22 17.27 -7.02
N LEU D 49 -33.54 17.13 -5.91
CA LEU D 49 -33.77 15.99 -5.05
C LEU D 49 -35.20 15.97 -4.50
N ARG D 50 -35.70 17.12 -4.08
CA ARG D 50 -37.06 17.22 -3.58
C ARG D 50 -38.09 16.85 -4.63
N GLU D 51 -37.85 17.31 -5.85
CA GLU D 51 -38.75 17.00 -6.99
C GLU D 51 -38.82 15.51 -7.26
N SER D 52 -37.74 14.79 -6.99
CA SER D 52 -37.69 13.34 -7.12
C SER D 52 -38.34 12.59 -5.93
N GLY D 53 -38.76 13.28 -4.86
CA GLY D 53 -39.41 12.67 -3.74
C GLY D 53 -38.64 12.56 -2.46
N ALA D 54 -37.40 13.06 -2.48
CA ALA D 54 -36.54 12.97 -1.31
C ALA D 54 -36.71 14.21 -0.42
N GLN D 55 -36.23 14.08 0.80
CA GLN D 55 -36.08 15.22 1.70
C GLN D 55 -34.66 15.75 1.55
N ALA D 56 -34.56 17.02 1.15
CA ALA D 56 -33.26 17.64 0.99
C ALA D 56 -33.32 19.11 1.22
N LEU D 57 -32.21 19.65 1.71
CA LEU D 57 -32.07 21.06 2.01
C LEU D 57 -30.67 21.52 1.61
N PHE D 58 -30.59 22.74 1.09
CA PHE D 58 -29.29 23.39 0.82
C PHE D 58 -28.95 24.29 1.97
N ILE D 59 -27.71 24.17 2.46
CA ILE D 59 -27.13 25.12 3.43
C ILE D 59 -25.86 25.67 2.85
N SER D 60 -25.85 26.98 2.63
CA SER D 60 -24.64 27.68 2.12
C SER D 60 -23.58 27.68 3.23
N CYS D 61 -22.37 27.24 2.94
N CYS D 61 -22.37 27.29 2.92
CA CYS D 61 -21.32 27.11 3.96
CA CYS D 61 -21.31 27.43 3.89
C CYS D 61 -19.95 27.21 3.26
C CYS D 61 -19.93 27.14 3.36
N ASN D 62 -19.02 27.93 3.86
CA ASN D 62 -17.61 27.84 3.54
C ASN D 62 -16.94 26.96 4.57
N ILE D 63 -16.60 25.73 4.20
CA ILE D 63 -16.11 24.76 5.16
C ILE D 63 -14.70 25.07 5.70
N ALA D 64 -14.01 26.06 5.12
CA ALA D 64 -12.73 26.46 5.70
C ALA D 64 -12.87 27.30 6.94
N GLU D 65 -14.08 27.77 7.26
CA GLU D 65 -14.29 28.60 8.46
C GLU D 65 -15.00 27.81 9.52
N LYS D 66 -14.34 27.61 10.66
CA LYS D 66 -14.91 26.81 11.73
C LYS D 66 -16.31 27.28 12.18
N THR D 67 -16.50 28.59 12.31
CA THR D 67 -17.80 29.08 12.76
C THR D 67 -18.93 28.67 11.78
N GLN D 68 -18.62 28.68 10.48
CA GLN D 68 -19.60 28.26 9.48
C GLN D 68 -19.88 26.76 9.54
N VAL D 69 -18.86 25.98 9.78
CA VAL D 69 -19.04 24.50 9.95
C VAL D 69 -19.87 24.23 11.20
N GLU D 70 -19.61 24.96 12.28
CA GLU D 70 -20.45 24.81 13.49
C GLU D 70 -21.90 25.12 13.20
N ALA D 71 -22.13 26.21 12.47
CA ALA D 71 -23.47 26.62 12.10
C ALA D 71 -24.15 25.61 11.16
N LEU D 72 -23.39 25.06 10.21
CA LEU D 72 -23.89 24.04 9.32
C LEU D 72 -24.46 22.87 10.10
N PHE D 73 -23.66 22.35 11.04
CA PHE D 73 -24.13 21.21 11.81
C PHE D 73 -25.30 21.55 12.68
N SER D 74 -25.31 22.72 13.33
CA SER D 74 -26.44 23.07 14.17
CA SER D 74 -26.45 23.11 14.18
C SER D 74 -27.72 23.22 13.36
N GLN D 75 -27.63 23.87 12.21
CA GLN D 75 -28.80 24.07 11.35
C GLN D 75 -29.29 22.73 10.76
N ALA D 76 -28.35 21.90 10.34
CA ALA D 76 -28.69 20.60 9.78
C ALA D 76 -29.50 19.78 10.80
N GLU D 77 -29.06 19.80 12.05
CA GLU D 77 -29.68 19.01 13.09
C GLU D 77 -31.01 19.60 13.54
N GLU D 78 -31.14 20.94 13.53
CA GLU D 78 -32.44 21.56 13.79
CA GLU D 78 -32.43 21.60 13.77
C GLU D 78 -33.47 21.17 12.74
N ALA D 79 -33.07 21.05 11.49
CA ALA D 79 -33.97 20.71 10.40
C ALA D 79 -34.33 19.20 10.34
N PHE D 80 -33.31 18.36 10.42
CA PHE D 80 -33.45 16.95 10.08
C PHE D 80 -33.04 15.99 11.19
N GLY D 81 -32.70 16.51 12.37
CA GLY D 81 -32.30 15.66 13.47
C GLY D 81 -30.81 15.28 13.38
N PRO D 82 -30.36 14.39 14.27
CA PRO D 82 -28.96 14.03 14.35
C PRO D 82 -28.37 13.61 12.99
N VAL D 83 -27.16 14.09 12.72
CA VAL D 83 -26.47 13.77 11.49
C VAL D 83 -25.80 12.42 11.68
N ASP D 84 -26.26 11.46 10.94
CA ASP D 84 -25.77 10.08 11.02
C ASP D 84 -24.58 9.85 10.12
N ILE D 85 -24.54 10.56 8.99
CA ILE D 85 -23.58 10.34 7.92
C ILE D 85 -23.00 11.68 7.50
N LEU D 86 -21.67 11.80 7.50
CA LEU D 86 -20.99 12.93 6.90
C LEU D 86 -20.18 12.43 5.73
N VAL D 87 -20.38 13.05 4.56
CA VAL D 87 -19.57 12.82 3.39
C VAL D 87 -18.81 14.07 3.07
N ASN D 88 -17.46 14.00 3.25
CA ASN D 88 -16.59 15.15 2.95
C ASN D 88 -16.15 15.03 1.51
N ASN D 89 -16.89 15.68 0.62
CA ASN D 89 -16.57 15.69 -0.82
C ASN D 89 -16.01 16.99 -1.33
N ALA D 90 -16.20 18.09 -0.61
CA ALA D 90 -15.78 19.39 -1.09
C ALA D 90 -14.27 19.39 -1.37
N GLY D 91 -13.92 19.94 -2.53
CA GLY D 91 -12.48 20.07 -2.85
C GLY D 91 -12.35 21.00 -4.04
N ILE D 92 -11.22 21.69 -4.12
CA ILE D 92 -10.91 22.55 -5.23
C ILE D 92 -9.49 22.23 -5.72
N ASN D 93 -9.22 22.69 -6.95
CA ASN D 93 -7.88 22.57 -7.53
C ASN D 93 -7.38 23.96 -7.89
N ARG D 94 -6.09 24.18 -7.63
CA ARG D 94 -5.36 25.32 -8.12
C ARG D 94 -3.99 24.74 -8.52
N ASP D 95 -3.97 24.07 -9.66
CA ASP D 95 -2.80 23.29 -10.05
C ASP D 95 -1.68 24.20 -10.52
N ALA D 96 -0.45 23.70 -10.35
CA ALA D 96 0.75 24.33 -10.81
C ALA D 96 1.93 23.41 -10.56
N MET D 97 2.93 23.53 -11.41
CA MET D 97 4.20 22.77 -11.18
C MET D 97 4.82 23.22 -9.86
N LEU D 98 5.59 22.32 -9.22
CA LEU D 98 6.19 22.60 -7.91
C LEU D 98 7.00 23.86 -7.91
N HIS D 99 7.77 24.12 -8.97
CA HIS D 99 8.65 25.28 -9.05
C HIS D 99 7.92 26.61 -9.31
N LYS D 100 6.62 26.52 -9.61
CA LYS D 100 5.80 27.70 -9.98
C LYS D 100 4.65 27.95 -9.00
N LEU D 101 4.31 27.03 -8.11
CA LEU D 101 3.11 27.12 -7.30
C LEU D 101 3.18 28.33 -6.36
N THR D 102 2.23 29.24 -6.45
CA THR D 102 2.24 30.40 -5.60
C THR D 102 1.80 30.02 -4.20
N GLU D 103 2.23 30.81 -3.26
CA GLU D 103 1.79 30.61 -1.89
C GLU D 103 0.25 30.71 -1.75
N ALA D 104 -0.36 31.65 -2.47
CA ALA D 104 -1.82 31.75 -2.38
C ALA D 104 -2.52 30.51 -2.89
N ASP D 105 -2.01 29.93 -3.99
CA ASP D 105 -2.64 28.74 -4.55
C ASP D 105 -2.42 27.50 -3.64
N TRP D 106 -1.25 27.43 -2.99
CA TRP D 106 -1.00 26.46 -1.95
C TRP D 106 -2.04 26.60 -0.83
N ASP D 107 -2.10 27.81 -0.29
CA ASP D 107 -2.91 28.06 0.88
C ASP D 107 -4.37 27.76 0.64
N THR D 108 -4.91 28.18 -0.50
CA THR D 108 -6.31 27.99 -0.80
C THR D 108 -6.72 26.52 -0.82
N VAL D 109 -5.90 25.71 -1.53
CA VAL D 109 -6.22 24.29 -1.66
C VAL D 109 -6.12 23.55 -0.31
N ILE D 110 -5.10 23.85 0.49
CA ILE D 110 -4.99 23.20 1.79
C ILE D 110 -6.16 23.65 2.68
N ASP D 111 -6.53 24.91 2.62
CA ASP D 111 -7.58 25.45 3.49
C ASP D 111 -8.93 24.77 3.23
N VAL D 112 -9.31 24.63 1.98
CA VAL D 112 -10.57 23.98 1.64
C VAL D 112 -10.48 22.47 1.82
N ASN D 113 -9.50 21.85 1.15
CA ASN D 113 -9.54 20.42 1.00
C ASN D 113 -9.14 19.69 2.25
N LEU D 114 -8.14 20.23 2.95
CA LEU D 114 -7.57 19.53 4.11
C LEU D 114 -8.16 20.09 5.41
N LYS D 115 -7.99 21.40 5.64
CA LYS D 115 -8.56 22.02 6.85
C LYS D 115 -10.09 21.87 6.86
N GLY D 116 -10.73 22.14 5.73
CA GLY D 116 -12.21 22.05 5.71
C GLY D 116 -12.70 20.67 6.06
N THR D 117 -12.01 19.64 5.54
CA THR D 117 -12.38 18.27 5.88
C THR D 117 -12.15 17.99 7.34
N PHE D 118 -11.04 18.48 7.90
CA PHE D 118 -10.80 18.32 9.34
C PHE D 118 -11.94 18.97 10.14
N LEU D 119 -12.30 20.21 9.81
CA LEU D 119 -13.28 20.90 10.61
C LEU D 119 -14.64 20.17 10.61
N CYS D 120 -15.02 19.65 9.46
CA CYS D 120 -16.27 18.91 9.36
C CYS D 120 -16.19 17.57 10.11
N MET D 121 -15.07 16.84 9.92
CA MET D 121 -14.85 15.61 10.69
C MET D 121 -14.94 15.86 12.17
N GLN D 122 -14.38 16.99 12.62
CA GLN D 122 -14.36 17.27 14.05
C GLN D 122 -15.80 17.51 14.57
N GLN D 123 -16.60 18.29 13.85
CA GLN D 123 -17.96 18.48 14.29
C GLN D 123 -18.79 17.18 14.29
N ALA D 124 -18.55 16.31 13.30
CA ALA D 124 -19.20 15.01 13.30
C ALA D 124 -18.73 14.16 14.49
N ALA D 125 -17.44 14.12 14.72
CA ALA D 125 -16.88 13.30 15.77
C ALA D 125 -17.39 13.66 17.15
N ILE D 126 -17.50 14.98 17.44
CA ILE D 126 -17.96 15.43 18.74
C ILE D 126 -19.33 14.80 19.03
N ARG D 127 -20.18 14.82 18.02
CA ARG D 127 -21.54 14.34 18.15
C ARG D 127 -21.63 12.82 18.14
N MET D 128 -20.99 12.22 17.15
CA MET D 128 -21.13 10.78 16.93
C MET D 128 -20.54 9.98 18.08
N ARG D 129 -19.44 10.45 18.67
CA ARG D 129 -18.86 9.69 19.74
C ARG D 129 -19.73 9.69 20.97
N GLU D 130 -20.53 10.72 21.18
CA GLU D 130 -21.48 10.78 22.31
C GLU D 130 -22.69 9.94 22.07
N ARG D 131 -23.10 9.85 20.83
CA ARG D 131 -24.30 9.10 20.45
C ARG D 131 -24.03 7.62 20.24
N GLY D 132 -22.77 7.24 20.05
CA GLY D 132 -22.45 5.82 19.89
C GLY D 132 -22.70 5.21 18.53
N ALA D 133 -22.75 6.05 17.50
CA ALA D 133 -23.01 5.57 16.15
C ALA D 133 -22.60 6.66 15.18
N GLY D 134 -22.19 6.27 13.97
CA GLY D 134 -21.98 7.27 12.94
C GLY D 134 -21.18 6.72 11.76
N ARG D 135 -21.19 7.51 10.69
CA ARG D 135 -20.45 7.21 9.47
C ARG D 135 -19.79 8.47 8.97
N ILE D 136 -18.49 8.42 8.74
CA ILE D 136 -17.77 9.51 8.08
C ILE D 136 -17.10 8.91 6.86
N ILE D 137 -17.38 9.48 5.71
CA ILE D 137 -16.85 9.00 4.44
C ILE D 137 -16.17 10.18 3.76
N ASN D 138 -14.87 10.06 3.61
CA ASN D 138 -14.07 11.11 2.99
C ASN D 138 -13.80 10.80 1.55
N ILE D 139 -14.03 11.77 0.67
CA ILE D 139 -13.68 11.57 -0.74
C ILE D 139 -12.30 12.11 -0.94
N ALA D 140 -11.33 11.26 -1.22
CA ALA D 140 -9.95 11.65 -1.41
C ALA D 140 -9.77 11.82 -2.94
N SER D 141 -8.79 11.16 -3.54
CA SER D 141 -8.55 11.34 -4.98
C SER D 141 -7.51 10.31 -5.37
N ALA D 142 -7.55 9.89 -6.63
CA ALA D 142 -6.46 9.08 -7.16
C ALA D 142 -5.09 9.81 -7.07
N SER D 143 -5.13 11.13 -7.01
CA SER D 143 -3.91 11.96 -6.90
C SER D 143 -3.21 11.90 -5.56
N TRP D 144 -3.75 11.21 -4.56
CA TRP D 144 -3.12 11.19 -3.25
C TRP D 144 -1.75 10.55 -3.28
N LEU D 145 -1.48 9.69 -4.26
CA LEU D 145 -0.15 9.07 -4.45
C LEU D 145 0.67 9.69 -5.57
N GLY D 146 0.35 10.96 -5.85
CA GLY D 146 1.15 11.78 -6.75
C GLY D 146 0.41 12.05 -8.08
N ASN D 147 0.62 13.25 -8.63
CA ASN D 147 0.17 13.55 -9.98
C ASN D 147 0.85 14.86 -10.39
N VAL D 148 1.39 14.91 -11.60
CA VAL D 148 2.04 16.09 -12.12
C VAL D 148 1.13 17.32 -11.98
N GLY D 149 1.71 18.43 -11.52
CA GLY D 149 0.97 19.69 -11.38
C GLY D 149 0.15 19.82 -10.15
N GLN D 150 0.22 18.85 -9.21
CA GLN D 150 -0.70 18.78 -8.10
C GLN D 150 0.00 18.63 -6.77
N THR D 151 1.11 19.36 -6.60
CA THR D 151 1.75 19.41 -5.25
C THR D 151 0.74 19.71 -4.15
N ASN D 152 0.00 20.80 -4.31
CA ASN D 152 -0.99 21.19 -3.27
C ASN D 152 -2.17 20.19 -3.16
N TYR D 153 -2.69 19.77 -4.31
CA TYR D 153 -3.88 18.91 -4.30
C TYR D 153 -3.53 17.53 -3.76
N SER D 154 -2.39 16.98 -4.21
CA SER D 154 -1.94 15.69 -3.66
C SER D 154 -1.62 15.75 -2.17
N ALA D 155 -0.99 16.84 -1.75
CA ALA D 155 -0.77 17.02 -0.30
C ALA D 155 -2.10 16.95 0.45
N SER D 156 -3.07 17.70 -0.06
CA SER D 156 -4.33 17.82 0.63
C SER D 156 -5.07 16.47 0.71
N LYS D 157 -5.05 15.72 -0.38
CA LYS D 157 -5.83 14.48 -0.43
C LYS D 157 -5.13 13.34 0.28
N ALA D 158 -3.78 13.28 0.22
CA ALA D 158 -3.05 12.35 1.07
C ALA D 158 -3.28 12.69 2.53
N GLY D 159 -3.29 13.97 2.88
CA GLY D 159 -3.55 14.35 4.24
C GLY D 159 -4.92 13.88 4.71
N VAL D 160 -5.91 13.94 3.84
CA VAL D 160 -7.26 13.40 4.16
C VAL D 160 -7.17 11.91 4.49
N VAL D 161 -6.41 11.14 3.74
CA VAL D 161 -6.22 9.73 4.04
C VAL D 161 -5.62 9.52 5.41
N GLY D 162 -4.57 10.28 5.75
CA GLY D 162 -3.98 10.14 7.08
C GLY D 162 -5.02 10.44 8.17
N MET D 163 -5.82 11.47 7.99
CA MET D 163 -6.83 11.81 9.01
C MET D 163 -7.88 10.71 9.11
N THR D 164 -8.27 10.15 7.96
CA THR D 164 -9.25 9.06 7.92
C THR D 164 -8.80 7.94 8.83
N LYS D 165 -7.54 7.56 8.67
CA LYS D 165 -7.00 6.45 9.40
C LYS D 165 -6.89 6.75 10.90
N THR D 166 -6.40 7.96 11.24
CA THR D 166 -6.39 8.38 12.62
C THR D 166 -7.80 8.35 13.25
N ALA D 167 -8.75 8.88 12.53
CA ALA D 167 -10.10 8.96 13.05
C ALA D 167 -10.73 7.60 13.29
N CYS D 168 -10.46 6.66 12.38
CA CYS D 168 -10.85 5.26 12.64
C CYS D 168 -10.29 4.76 13.94
N ARG D 169 -8.97 4.98 14.19
CA ARG D 169 -8.41 4.49 15.45
C ARG D 169 -9.04 5.12 16.67
N GLU D 170 -9.45 6.38 16.59
CA GLU D 170 -10.06 7.06 17.74
C GLU D 170 -11.53 6.76 17.91
N LEU D 171 -12.25 6.56 16.82
CA LEU D 171 -13.72 6.55 16.86
C LEU D 171 -14.37 5.16 16.71
N ALA D 172 -13.59 4.17 16.25
CA ALA D 172 -14.16 2.85 16.02
C ALA D 172 -14.82 2.24 17.27
N LYS D 173 -14.20 2.42 18.42
CA LYS D 173 -14.73 1.86 19.64
C LYS D 173 -16.01 2.56 20.10
N LYS D 174 -16.31 3.71 19.51
CA LYS D 174 -17.55 4.45 19.79
C LYS D 174 -18.65 4.12 18.80
N GLY D 175 -18.46 3.13 17.94
CA GLY D 175 -19.46 2.75 16.97
C GLY D 175 -19.48 3.55 15.69
N VAL D 176 -18.41 4.25 15.40
CA VAL D 176 -18.31 5.05 14.20
C VAL D 176 -17.36 4.40 13.22
N THR D 177 -17.66 4.41 11.94
CA THR D 177 -16.65 4.08 10.94
C THR D 177 -16.23 5.29 10.15
N VAL D 178 -14.96 5.31 9.78
CA VAL D 178 -14.35 6.39 9.02
C VAL D 178 -13.59 5.74 7.91
N ASN D 179 -13.95 6.07 6.68
CA ASN D 179 -13.37 5.44 5.48
C ASN D 179 -13.19 6.47 4.42
N ALA D 180 -12.32 6.20 3.44
CA ALA D 180 -12.09 7.12 2.33
C ALA D 180 -12.38 6.39 1.03
N ILE D 181 -12.85 7.13 0.04
CA ILE D 181 -13.00 6.65 -1.31
C ILE D 181 -12.10 7.51 -2.20
N CYS D 182 -11.35 6.87 -3.14
CA CYS D 182 -10.57 7.58 -4.20
C CYS D 182 -11.25 7.34 -5.53
N PRO D 183 -12.02 8.32 -6.02
CA PRO D 183 -12.55 8.17 -7.37
C PRO D 183 -11.39 8.10 -8.38
N GLY D 184 -11.62 7.39 -9.48
CA GLY D 184 -10.73 7.38 -10.63
C GLY D 184 -11.10 8.50 -11.57
N PHE D 185 -11.19 8.21 -12.84
CA PHE D 185 -11.64 9.18 -13.83
C PHE D 185 -13.15 9.09 -13.99
N ILE D 186 -13.86 10.10 -13.47
CA ILE D 186 -15.33 10.12 -13.46
C ILE D 186 -15.83 11.24 -14.38
N ASP D 187 -16.71 10.90 -15.30
CA ASP D 187 -17.29 11.90 -16.22
C ASP D 187 -18.50 12.52 -15.56
N THR D 188 -18.50 13.85 -15.30
CA THR D 188 -19.63 14.49 -14.67
C THR D 188 -19.97 15.81 -15.32
N ASP D 189 -20.96 16.52 -14.80
CA ASP D 189 -21.24 17.86 -15.28
C ASP D 189 -20.09 18.84 -15.05
N MET D 190 -19.12 18.53 -14.18
CA MET D 190 -17.94 19.37 -13.95
CA MET D 190 -17.94 19.33 -13.92
C MET D 190 -16.74 18.99 -14.82
N THR D 191 -16.86 18.01 -15.73
CA THR D 191 -15.73 17.64 -16.61
C THR D 191 -16.15 17.80 -18.06
N ARG D 192 -17.11 18.67 -18.36
CA ARG D 192 -17.59 18.79 -19.74
C ARG D 192 -16.58 19.55 -20.62
N GLY D 193 -15.59 20.16 -20.01
CA GLY D 193 -14.59 20.93 -20.75
C GLY D 193 -13.26 20.21 -20.86
N VAL D 194 -13.23 18.89 -20.66
CA VAL D 194 -11.92 18.18 -20.81
C VAL D 194 -11.75 17.95 -22.30
N PRO D 195 -10.59 18.32 -22.92
CA PRO D 195 -10.47 18.11 -24.35
C PRO D 195 -10.52 16.63 -24.74
N GLU D 196 -11.01 16.36 -25.93
CA GLU D 196 -11.08 15.01 -26.47
C GLU D 196 -9.73 14.22 -26.34
N ASN D 197 -8.62 14.87 -26.73
CA ASN D 197 -7.29 14.18 -26.68
C ASN D 197 -6.92 13.77 -25.26
N VAL D 198 -7.26 14.60 -24.29
CA VAL D 198 -6.98 14.34 -22.89
C VAL D 198 -7.86 13.16 -22.37
N TRP D 199 -9.15 13.15 -22.77
CA TRP D 199 -10.02 12.02 -22.45
C TRP D 199 -9.46 10.72 -23.00
N GLN D 200 -8.95 10.70 -24.21
CA GLN D 200 -8.38 9.48 -24.81
C GLN D 200 -7.22 8.96 -24.01
N ILE D 201 -6.35 9.84 -23.57
CA ILE D 201 -5.21 9.44 -22.75
C ILE D 201 -5.73 8.84 -21.41
N MET D 202 -6.67 9.56 -20.77
CA MET D 202 -7.25 9.05 -19.54
C MET D 202 -7.88 7.64 -19.70
N ILE D 203 -8.69 7.48 -20.73
CA ILE D 203 -9.40 6.22 -20.97
C ILE D 203 -8.39 5.10 -21.22
N SER D 204 -7.26 5.40 -21.86
CA SER D 204 -6.22 4.39 -22.09
C SER D 204 -5.63 3.84 -20.80
N LYS D 205 -5.78 4.52 -19.68
CA LYS D 205 -5.24 4.08 -18.40
C LYS D 205 -6.28 3.26 -17.57
N ILE D 206 -7.50 3.13 -18.10
CA ILE D 206 -8.59 2.49 -17.34
C ILE D 206 -8.88 1.09 -17.93
N PRO D 207 -8.59 0.04 -17.14
CA PRO D 207 -8.87 -1.29 -17.66
C PRO D 207 -10.32 -1.52 -18.11
N ALA D 208 -11.27 -0.97 -17.35
CA ALA D 208 -12.68 -1.07 -17.74
C ALA D 208 -13.01 -0.45 -19.09
N GLY D 209 -12.19 0.51 -19.52
CA GLY D 209 -12.32 1.10 -20.86
C GLY D 209 -13.31 2.24 -20.97
N TYR D 210 -13.81 2.74 -19.84
CA TYR D 210 -14.76 3.87 -19.84
C TYR D 210 -14.60 4.63 -18.57
N ALA D 211 -14.96 5.92 -18.62
CA ALA D 211 -14.97 6.78 -17.46
C ALA D 211 -16.24 6.49 -16.65
N GLY D 212 -16.12 6.49 -15.37
CA GLY D 212 -17.24 6.22 -14.46
C GLY D 212 -18.21 7.42 -14.37
N GLU D 213 -19.29 7.25 -13.64
CA GLU D 213 -20.30 8.29 -13.41
C GLU D 213 -20.29 8.65 -11.93
N ALA D 214 -20.83 9.82 -11.59
CA ALA D 214 -20.85 10.24 -10.21
C ALA D 214 -21.60 9.24 -9.33
N LYS D 215 -22.67 8.65 -9.88
CA LYS D 215 -23.39 7.63 -9.12
C LYS D 215 -22.58 6.38 -8.78
N ASP D 216 -21.50 6.10 -9.53
CA ASP D 216 -20.64 4.97 -9.14
C ASP D 216 -19.98 5.25 -7.79
N VAL D 217 -19.51 6.48 -7.61
CA VAL D 217 -18.98 6.88 -6.33
C VAL D 217 -20.08 6.78 -5.26
N GLY D 218 -21.26 7.28 -5.61
CA GLY D 218 -22.37 7.28 -4.69
C GLY D 218 -22.76 5.90 -4.20
N GLU D 219 -22.73 4.89 -5.08
CA GLU D 219 -23.04 3.53 -4.63
C GLU D 219 -22.10 3.06 -3.55
N CYS D 220 -20.81 3.33 -3.71
CA CYS D 220 -19.86 2.95 -2.66
C CYS D 220 -20.06 3.71 -1.38
N VAL D 221 -20.37 5.00 -1.50
CA VAL D 221 -20.69 5.78 -0.28
C VAL D 221 -21.89 5.15 0.44
N ALA D 222 -22.93 4.84 -0.30
CA ALA D 222 -24.17 4.33 0.30
C ALA D 222 -23.92 2.98 0.99
N PHE D 223 -23.08 2.12 0.39
CA PHE D 223 -22.73 0.89 1.08
C PHE D 223 -21.98 1.17 2.35
N LEU D 224 -20.94 1.98 2.29
CA LEU D 224 -20.17 2.28 3.52
C LEU D 224 -21.05 2.89 4.63
N ALA D 225 -22.05 3.70 4.21
CA ALA D 225 -22.96 4.32 5.17
C ALA D 225 -23.95 3.39 5.81
N SER D 226 -24.13 2.22 5.20
CA SER D 226 -25.12 1.25 5.66
C SER D 226 -24.68 0.48 6.91
N ASP D 227 -25.67 -0.10 7.58
CA ASP D 227 -25.36 -0.92 8.77
C ASP D 227 -24.54 -2.14 8.42
N GLY D 228 -24.72 -2.66 7.21
CA GLY D 228 -23.93 -3.77 6.72
C GLY D 228 -22.42 -3.61 6.65
N ALA D 229 -21.97 -2.36 6.57
CA ALA D 229 -20.57 -2.03 6.51
C ALA D 229 -19.99 -1.62 7.85
N ARG D 230 -20.61 -2.05 8.93
CA ARG D 230 -20.17 -1.68 10.29
C ARG D 230 -18.72 -2.06 10.62
N TYR D 231 -18.21 -3.10 9.96
CA TYR D 231 -16.88 -3.65 10.25
C TYR D 231 -15.85 -3.23 9.24
N ILE D 232 -16.18 -2.30 8.32
CA ILE D 232 -15.19 -1.72 7.43
C ILE D 232 -14.78 -0.39 8.01
N ASN D 233 -13.51 -0.21 8.35
CA ASN D 233 -13.08 0.97 9.05
C ASN D 233 -11.64 1.28 8.72
N GLY D 234 -11.34 2.54 8.39
CA GLY D 234 -10.01 2.96 8.08
C GLY D 234 -9.55 2.63 6.66
N GLU D 235 -10.49 2.24 5.79
CA GLU D 235 -10.13 1.79 4.45
C GLU D 235 -10.07 2.94 3.45
N VAL D 236 -9.32 2.70 2.38
CA VAL D 236 -9.22 3.59 1.26
C VAL D 236 -9.63 2.80 0.03
N ILE D 237 -10.80 3.04 -0.51
CA ILE D 237 -11.36 2.22 -1.59
C ILE D 237 -11.34 3.01 -2.89
N ASN D 238 -10.65 2.49 -3.91
CA ASN D 238 -10.66 3.14 -5.23
C ASN D 238 -11.92 2.76 -5.97
N VAL D 239 -12.58 3.75 -6.56
CA VAL D 239 -13.71 3.56 -7.46
C VAL D 239 -13.29 4.13 -8.81
N GLY D 240 -12.62 3.28 -9.57
CA GLY D 240 -11.94 3.71 -10.79
C GLY D 240 -11.78 2.74 -11.90
N GLY D 241 -12.50 1.62 -11.92
CA GLY D 241 -12.43 0.69 -13.01
C GLY D 241 -11.04 0.08 -13.25
N GLY D 242 -10.27 0.02 -12.16
CA GLY D 242 -8.92 -0.53 -12.26
C GLY D 242 -7.81 0.49 -12.55
N MET D 243 -8.17 1.76 -12.71
CA MET D 243 -7.20 2.75 -13.18
C MET D 243 -6.10 2.99 -12.14
N VAL D 244 -4.86 2.99 -12.65
CA VAL D 244 -3.70 3.38 -11.79
C VAL D 244 -3.14 4.69 -12.37
N LEU D 245 -3.10 5.72 -11.54
CA LEU D 245 -2.78 7.06 -12.02
C LEU D 245 -1.27 7.18 -12.12
#